data_5JIF
#
_entry.id   5JIF
#
_cell.length_a   88.523
_cell.length_b   88.819
_cell.length_c   122.163
_cell.angle_alpha   90.00
_cell.angle_beta   90.00
_cell.angle_gamma   90.00
#
_symmetry.space_group_name_H-M   'P 21 21 21'
#
loop_
_entity.id
_entity.type
_entity.pdbx_description
1 polymer Hemagglutinin-esterase
2 branched 2-acetamido-2-deoxy-beta-D-glucopyranose-(1-4)-2-acetamido-2-deoxy-beta-D-glucopyranose
3 branched alpha-D-mannopyranose-(1-2)-alpha-D-mannopyranose-(1-6)-[alpha-D-mannopyranose-(1-3)]alpha-D-mannopyranose-(1-6)-[alpha-D-mannopyranose-(1-3)]beta-D-mannopyranose-(1-4)-2-acetamido-2-deoxy-beta-D-glucopyranose-(1-4)-2-acetamido-2-deoxy-beta-D-glucopyranose
4 branched alpha-D-mannopyranose-(1-3)-[alpha-D-mannopyranose-(1-6)]beta-D-mannopyranose-(1-4)-2-acetamido-2-deoxy-beta-D-glucopyranose-(1-4)-2-acetamido-2-deoxy-beta-D-glucopyranose
5 non-polymer 'SODIUM ION'
6 non-polymer GLYCEROL
7 non-polymer 2-acetamido-2-deoxy-beta-D-glucopyranose
8 water water
#
_entity_poly.entity_id   1
_entity_poly.type   'polypeptide(L)'
_entity_poly.pdbx_seq_one_letter_code
;LAFNEPLNVVSHLNDDWFLFGDSRSDCNHINNLSQQNYNYMDINPELCKSGKISAKAGNSLFKSFHFTDFYNYTGEGSQI
IFYEGVNFTPYVGFKCLNNGDNNRWMGNKARFYTQLYQKMAHYRSLSVINITYTYNGSAGPVSMCKHIANGVTLTLNNPT
FIGKEVSKPDYYYESEANFTLQGCDEFIVPLCVFNGQYLSSKLYYDDSQYYYNVDTGVLYGFNSTLNITSGLDLTCIYLA
LTPGNYISISNELLLTVPSKAICLRKPKAFTPVQVVDSRWHSNRQSDNMTAIACQLPYCYFRNTTSDYNGVYDSHHGDAG
FTSILAGLMYNVSCLAQQGAFVYNNVSSSWPQYPYGHCPTAANIVFMAPVCMYDSDPLVPR
;
_entity_poly.pdbx_strand_id   A,B
#
loop_
_chem_comp.id
_chem_comp.type
_chem_comp.name
_chem_comp.formula
BMA D-saccharide, beta linking beta-D-mannopyranose 'C6 H12 O6'
GOL non-polymer GLYCEROL 'C3 H8 O3'
MAN D-saccharide, alpha linking alpha-D-mannopyranose 'C6 H12 O6'
NA non-polymer 'SODIUM ION' 'Na 1'
NAG D-saccharide, beta linking 2-acetamido-2-deoxy-beta-D-glucopyranose 'C8 H15 N O6'
#
# COMPACT_ATOMS: atom_id res chain seq x y z
N PHE A 3 -35.96 -1.95 11.97
CA PHE A 3 -35.94 -2.13 10.49
C PHE A 3 -34.53 -1.96 9.94
N ASN A 4 -34.16 -2.86 9.04
CA ASN A 4 -32.93 -2.76 8.26
C ASN A 4 -31.69 -2.63 9.17
N GLU A 5 -31.65 -3.44 10.21
CA GLU A 5 -30.44 -3.59 11.00
C GLU A 5 -29.38 -4.28 10.15
N PRO A 6 -28.11 -3.98 10.40
CA PRO A 6 -27.03 -4.64 9.65
C PRO A 6 -26.99 -6.14 9.98
N LEU A 7 -26.84 -6.98 8.97
CA LEU A 7 -26.86 -8.42 9.17
C LEU A 7 -25.45 -8.95 9.20
N ASN A 8 -25.22 -9.94 10.06
CA ASN A 8 -23.91 -10.58 10.13
C ASN A 8 -23.80 -11.64 9.03
N VAL A 9 -23.67 -11.17 7.80
CA VAL A 9 -23.50 -12.05 6.65
C VAL A 9 -22.46 -11.54 5.72
N VAL A 10 -22.01 -12.43 4.83
CA VAL A 10 -21.34 -11.99 3.65
C VAL A 10 -22.34 -12.04 2.51
N SER A 11 -22.29 -11.04 1.65
CA SER A 11 -23.23 -10.96 0.53
C SER A 11 -22.62 -10.17 -0.63
N HIS A 12 -23.48 -9.57 -1.43
CA HIS A 12 -23.09 -8.94 -2.67
C HIS A 12 -24.20 -7.99 -3.13
N LEU A 13 -23.81 -6.98 -3.89
CA LEU A 13 -24.75 -5.97 -4.36
C LEU A 13 -25.44 -6.46 -5.60
N ASN A 14 -24.80 -7.41 -6.29
CA ASN A 14 -25.29 -7.89 -7.57
C ASN A 14 -24.68 -9.28 -7.81
N ASP A 15 -24.74 -9.78 -9.02
CA ASP A 15 -24.31 -11.16 -9.26
C ASP A 15 -22.81 -11.26 -9.57
N ASP A 16 -22.10 -10.13 -9.55
CA ASP A 16 -20.70 -10.12 -9.89
C ASP A 16 -19.82 -10.33 -8.62
N TRP A 17 -19.88 -11.53 -8.06
CA TRP A 17 -19.08 -11.88 -6.89
C TRP A 17 -18.41 -13.21 -7.09
N PHE A 18 -17.44 -13.48 -6.23
CA PHE A 18 -16.72 -14.74 -6.27
C PHE A 18 -16.24 -15.12 -4.87
N LEU A 19 -16.39 -16.40 -4.54
CA LEU A 19 -16.00 -16.99 -3.24
C LEU A 19 -14.82 -17.92 -3.39
N PHE A 20 -13.79 -17.68 -2.59
CA PHE A 20 -12.65 -18.60 -2.42
C PHE A 20 -12.80 -19.35 -1.12
N GLY A 21 -12.77 -20.68 -1.18
CA GLY A 21 -13.03 -21.51 0.05
C GLY A 21 -12.26 -22.80 0.21
N ASP A 22 -12.73 -23.60 1.15
CA ASP A 22 -12.12 -24.90 1.47
C ASP A 22 -13.20 -25.98 1.48
N SER A 23 -13.03 -27.01 2.31
CA SER A 23 -14.02 -28.10 2.32
C SER A 23 -15.42 -27.60 2.63
N ARG A 24 -15.50 -26.54 3.41
CA ARG A 24 -16.80 -26.01 3.82
C ARG A 24 -17.57 -25.29 2.71
N SER A 25 -16.90 -25.10 1.60
CA SER A 25 -17.51 -24.52 0.39
C SER A 25 -17.29 -25.40 -0.85
N ASP A 26 -16.81 -26.63 -0.67
CA ASP A 26 -16.35 -27.46 -1.80
C ASP A 26 -17.39 -28.51 -2.15
N CYS A 27 -18.11 -28.26 -3.24
CA CYS A 27 -19.23 -29.11 -3.65
C CYS A 27 -18.77 -30.47 -4.16
N ASN A 28 -17.55 -30.57 -4.64
CA ASN A 28 -17.05 -31.86 -5.17
C ASN A 28 -16.65 -32.86 -4.08
N HIS A 29 -16.39 -32.35 -2.88
CA HIS A 29 -15.90 -33.15 -1.77
C HIS A 29 -16.88 -34.25 -1.36
N ILE A 30 -18.18 -34.03 -1.59
CA ILE A 30 -19.16 -35.10 -1.40
C ILE A 30 -18.77 -36.41 -2.10
N ASN A 31 -18.08 -36.31 -3.23
CA ASN A 31 -17.73 -37.52 -4.00
C ASN A 31 -16.61 -38.36 -3.35
N ASN A 32 -15.96 -37.81 -2.34
CA ASN A 32 -14.90 -38.52 -1.64
C ASN A 32 -15.27 -38.78 -0.20
N LEU A 33 -16.57 -38.67 0.12
CA LEU A 33 -17.04 -38.94 1.46
C LEU A 33 -17.90 -40.19 1.44
N SER A 34 -17.80 -40.94 2.54
CA SER A 34 -18.64 -42.09 2.79
C SER A 34 -20.11 -41.71 3.00
N GLN A 35 -20.35 -40.61 3.70
CA GLN A 35 -21.70 -40.12 4.00
C GLN A 35 -22.04 -39.03 3.03
N GLN A 36 -22.85 -39.36 2.01
CA GLN A 36 -22.99 -38.45 0.89
C GLN A 36 -24.22 -37.53 0.94
N ASN A 37 -24.06 -36.46 1.71
CA ASN A 37 -24.96 -35.32 1.73
C ASN A 37 -24.07 -34.07 1.89
N TYR A 38 -24.67 -32.89 1.84
CA TYR A 38 -23.90 -31.62 1.91
C TYR A 38 -23.83 -30.94 3.29
N ASN A 39 -24.11 -31.70 4.34
CA ASN A 39 -24.07 -31.13 5.70
C ASN A 39 -22.66 -30.78 6.18
N TYR A 40 -21.65 -31.18 5.42
CA TYR A 40 -20.28 -30.74 5.69
C TYR A 40 -19.99 -29.30 5.27
N MET A 41 -20.86 -28.73 4.44
CA MET A 41 -20.69 -27.40 3.89
C MET A 41 -21.40 -26.38 4.76
N ASP A 42 -20.81 -25.20 4.85
CA ASP A 42 -21.43 -24.05 5.48
C ASP A 42 -22.18 -23.19 4.46
N ILE A 43 -22.00 -23.49 3.17
CA ILE A 43 -22.75 -22.80 2.12
C ILE A 43 -24.00 -23.57 1.74
N ASN A 44 -24.95 -22.85 1.17
CA ASN A 44 -26.17 -23.47 0.62
C ASN A 44 -25.80 -24.22 -0.65
N PRO A 45 -26.10 -25.53 -0.71
CA PRO A 45 -25.68 -26.28 -1.90
C PRO A 45 -26.31 -25.80 -3.23
N GLU A 46 -27.36 -24.99 -3.16
CA GLU A 46 -27.89 -24.31 -4.35
C GLU A 46 -26.82 -23.48 -5.08
N LEU A 47 -25.78 -23.05 -4.36
CA LEU A 47 -24.68 -22.28 -4.98
C LEU A 47 -23.67 -23.12 -5.76
N CYS A 48 -23.74 -24.44 -5.61
CA CYS A 48 -22.85 -25.34 -6.33
C CYS A 48 -22.87 -25.14 -7.82
N LYS A 49 -24.00 -24.70 -8.35
CA LYS A 49 -24.15 -24.52 -9.79
C LYS A 49 -23.97 -23.07 -10.27
N SER A 50 -23.58 -22.19 -9.36
CA SER A 50 -23.39 -20.77 -9.66
C SER A 50 -22.19 -20.46 -10.57
N GLY A 51 -21.18 -21.31 -10.56
CA GLY A 51 -19.92 -20.98 -11.23
C GLY A 51 -19.15 -19.87 -10.48
N LYS A 52 -19.45 -19.62 -9.21
CA LYS A 52 -18.83 -18.48 -8.50
C LYS A 52 -17.98 -18.91 -7.31
N ILE A 53 -17.56 -20.18 -7.30
CA ILE A 53 -16.77 -20.73 -6.19
C ILE A 53 -15.52 -21.43 -6.71
N SER A 54 -14.39 -21.13 -6.08
CA SER A 54 -13.18 -21.91 -6.23
C SER A 54 -12.82 -22.32 -4.78
N ALA A 55 -13.05 -23.60 -4.48
CA ALA A 55 -12.83 -24.14 -3.15
C ALA A 55 -12.34 -25.57 -3.22
N LYS A 56 -11.40 -25.94 -2.35
CA LYS A 56 -10.87 -27.28 -2.33
C LYS A 56 -10.71 -27.79 -0.90
N ALA A 57 -11.36 -28.91 -0.63
CA ALA A 57 -11.21 -29.62 0.65
C ALA A 57 -9.74 -29.80 1.06
N GLY A 58 -9.41 -29.40 2.28
CA GLY A 58 -8.07 -29.56 2.81
C GLY A 58 -7.09 -28.49 2.35
N ASN A 59 -7.54 -27.45 1.66
CA ASN A 59 -6.61 -26.47 1.13
C ASN A 59 -6.93 -25.05 1.54
N SER A 60 -6.04 -24.14 1.16
CA SER A 60 -6.23 -22.70 1.42
C SER A 60 -5.36 -21.97 0.43
N LEU A 61 -5.61 -20.67 0.26
CA LEU A 61 -4.77 -19.89 -0.64
C LEU A 61 -3.29 -19.94 -0.21
N PHE A 62 -3.02 -19.73 1.08
CA PHE A 62 -1.63 -19.75 1.62
C PHE A 62 -0.98 -21.09 1.36
N LYS A 63 -1.74 -22.15 1.56
CA LYS A 63 -1.25 -23.50 1.41
C LYS A 63 -0.90 -23.82 -0.04
N SER A 64 -1.79 -23.49 -0.99
CA SER A 64 -1.49 -23.72 -2.37
C SER A 64 -0.34 -22.85 -2.85
N PHE A 65 -0.21 -21.67 -2.28
CA PHE A 65 0.86 -20.76 -2.62
C PHE A 65 2.23 -21.30 -2.31
N HIS A 66 2.34 -21.99 -1.17
CA HIS A 66 3.65 -22.38 -0.62
C HIS A 66 4.03 -23.87 -0.74
N PHE A 67 3.03 -24.74 -0.91
CA PHE A 67 3.24 -26.20 -0.71
C PHE A 67 2.87 -27.03 -1.93
N THR A 68 3.35 -28.27 -1.96
CA THR A 68 3.17 -29.15 -3.12
C THR A 68 1.74 -29.64 -3.20
N ASP A 69 1.03 -29.62 -2.08
CA ASP A 69 -0.41 -29.97 -2.04
C ASP A 69 -1.20 -28.76 -2.53
N PHE A 70 -1.33 -28.70 -3.85
CA PHE A 70 -1.64 -27.49 -4.57
C PHE A 70 -3.01 -27.55 -5.21
N TYR A 71 -3.80 -26.50 -5.05
CA TYR A 71 -5.04 -26.34 -5.81
C TYR A 71 -4.99 -25.03 -6.56
N ASN A 72 -5.37 -25.05 -7.83
CA ASN A 72 -5.30 -23.83 -8.61
C ASN A 72 -6.49 -22.92 -8.38
N TYR A 73 -6.49 -22.27 -7.24
CA TYR A 73 -7.52 -21.29 -6.94
C TYR A 73 -7.55 -20.26 -8.07
N THR A 74 -8.72 -20.12 -8.68
CA THR A 74 -8.89 -19.25 -9.83
C THR A 74 -10.27 -18.67 -9.79
N GLY A 75 -10.38 -17.38 -10.04
CA GLY A 75 -11.71 -16.79 -10.03
C GLY A 75 -11.69 -15.33 -10.35
N GLU A 76 -12.84 -14.82 -10.76
CA GLU A 76 -12.97 -13.43 -11.12
C GLU A 76 -14.29 -12.85 -10.61
N GLY A 77 -14.23 -11.67 -9.98
CA GLY A 77 -15.46 -10.95 -9.67
C GLY A 77 -15.20 -9.54 -9.17
N SER A 78 -16.27 -8.74 -9.11
CA SER A 78 -16.21 -7.42 -8.52
C SER A 78 -16.02 -7.54 -7.00
N GLN A 79 -16.95 -8.23 -6.35
CA GLN A 79 -16.95 -8.42 -4.90
C GLN A 79 -16.37 -9.78 -4.54
N ILE A 80 -15.21 -9.78 -3.90
CA ILE A 80 -14.49 -11.00 -3.62
C ILE A 80 -14.74 -11.37 -2.16
N ILE A 81 -14.98 -12.66 -1.93
CA ILE A 81 -15.23 -13.19 -0.58
C ILE A 81 -14.29 -14.37 -0.34
N PHE A 82 -13.70 -14.41 0.86
CA PHE A 82 -12.81 -15.49 1.26
C PHE A 82 -13.40 -16.15 2.48
N TYR A 83 -13.47 -17.46 2.44
CA TYR A 83 -13.80 -18.30 3.59
C TYR A 83 -12.86 -19.49 3.54
N GLU A 84 -11.61 -19.22 3.91
CA GLU A 84 -10.55 -20.20 3.95
C GLU A 84 -9.41 -19.68 4.81
N GLY A 85 -8.52 -20.59 5.17
CA GLY A 85 -7.37 -20.27 6.02
C GLY A 85 -7.07 -21.34 7.05
N VAL A 86 -8.12 -22.01 7.52
CA VAL A 86 -8.03 -23.02 8.56
C VAL A 86 -7.07 -24.16 8.27
N ASN A 87 -6.90 -24.49 7.01
CA ASN A 87 -5.99 -25.59 6.67
C ASN A 87 -4.50 -25.23 6.74
N PHE A 88 -4.17 -24.04 7.27
CA PHE A 88 -2.79 -23.74 7.76
C PHE A 88 -2.90 -22.93 9.04
N THR A 89 -2.80 -23.63 10.16
CA THR A 89 -3.06 -23.10 11.48
C THR A 89 -2.02 -23.67 12.39
N PRO A 90 -1.97 -23.20 13.67
CA PRO A 90 -1.05 -23.83 14.63
C PRO A 90 -1.32 -25.31 14.84
N TYR A 91 -2.56 -25.76 14.74
CA TYR A 91 -2.85 -27.21 14.68
C TYR A 91 -2.01 -27.96 13.67
N VAL A 92 -1.89 -27.43 12.46
CA VAL A 92 -1.12 -28.11 11.42
C VAL A 92 0.33 -28.16 11.86
N GLY A 93 0.77 -27.14 12.59
CA GLY A 93 2.06 -27.18 13.31
C GLY A 93 3.30 -27.08 12.43
N PHE A 94 3.17 -26.51 11.25
CA PHE A 94 4.27 -26.48 10.32
C PHE A 94 5.47 -25.68 10.79
N LYS A 95 6.64 -26.23 10.52
CA LYS A 95 7.89 -25.53 10.64
C LYS A 95 8.86 -26.21 9.69
N CYS A 96 9.84 -25.47 9.20
CA CYS A 96 10.75 -25.99 8.18
C CYS A 96 11.64 -27.10 8.68
N LEU A 97 12.02 -27.01 9.95
CA LEU A 97 13.00 -27.90 10.55
C LEU A 97 12.51 -28.33 11.94
N ASN A 98 13.15 -29.33 12.50
CA ASN A 98 12.87 -29.72 13.88
C ASN A 98 13.01 -28.56 14.86
N ASN A 99 14.10 -27.84 14.70
CA ASN A 99 14.43 -26.69 15.53
C ASN A 99 13.67 -25.42 15.11
N GLY A 100 12.63 -25.56 14.28
CA GLY A 100 11.95 -24.43 13.68
C GLY A 100 10.93 -23.81 14.60
N ASP A 101 9.99 -23.05 14.05
CA ASP A 101 9.06 -22.30 14.88
C ASP A 101 7.79 -21.99 14.14
N ASN A 102 6.69 -22.53 14.64
CA ASN A 102 5.41 -22.31 13.98
C ASN A 102 4.98 -20.84 13.97
N ASN A 103 5.40 -20.10 14.98
CA ASN A 103 5.07 -18.68 15.07
C ASN A 103 5.57 -17.90 13.88
N ARG A 104 6.76 -18.26 13.40
CA ARG A 104 7.28 -17.61 12.22
C ARG A 104 6.32 -17.77 11.05
N TRP A 105 5.74 -18.97 10.95
CA TRP A 105 4.80 -19.29 9.90
C TRP A 105 3.46 -18.63 10.05
N MET A 106 3.05 -18.36 11.30
CA MET A 106 1.88 -17.54 11.52
C MET A 106 2.14 -16.10 11.05
N GLY A 107 3.32 -15.56 11.35
CA GLY A 107 3.70 -14.25 10.80
C GLY A 107 3.65 -14.25 9.28
N ASN A 108 4.14 -15.32 8.67
CA ASN A 108 4.14 -15.43 7.20
C ASN A 108 2.72 -15.41 6.68
N LYS A 109 1.86 -16.17 7.33
CA LYS A 109 0.46 -16.23 6.98
C LYS A 109 -0.19 -14.84 7.08
N ALA A 110 0.04 -14.12 8.16
CA ALA A 110 -0.53 -12.77 8.28
C ALA A 110 -0.08 -11.87 7.12
N ARG A 111 1.21 -11.90 6.81
CA ARG A 111 1.77 -11.06 5.76
C ARG A 111 1.25 -11.39 4.35
N PHE A 112 1.05 -12.68 4.10
CA PHE A 112 0.56 -13.11 2.81
C PHE A 112 -0.87 -12.59 2.65
N TYR A 113 -1.70 -12.82 3.64
CA TYR A 113 -3.10 -12.45 3.48
C TYR A 113 -3.27 -10.93 3.48
N THR A 114 -2.39 -10.20 4.19
CA THR A 114 -2.42 -8.76 4.14
C THR A 114 -2.29 -8.25 2.69
N GLN A 115 -1.31 -8.79 1.98
CA GLN A 115 -1.07 -8.43 0.63
C GLN A 115 -2.21 -8.90 -0.30
N LEU A 116 -2.68 -10.11 -0.11
CA LEU A 116 -3.73 -10.65 -0.92
C LEU A 116 -5.04 -9.87 -0.81
N TYR A 117 -5.50 -9.66 0.42
CA TYR A 117 -6.73 -8.91 0.63
C TYR A 117 -6.66 -7.48 0.06
N GLN A 118 -5.54 -6.79 0.29
CA GLN A 118 -5.35 -5.45 -0.22
C GLN A 118 -5.43 -5.40 -1.74
N LYS A 119 -4.75 -6.34 -2.39
CA LYS A 119 -4.72 -6.36 -3.83
C LYS A 119 -6.07 -6.75 -4.41
N MET A 120 -6.78 -7.67 -3.77
CA MET A 120 -8.06 -8.09 -4.33
C MET A 120 -9.17 -7.04 -4.15
N ALA A 121 -8.87 -5.91 -3.52
CA ALA A 121 -9.78 -4.80 -3.53
C ALA A 121 -9.59 -3.94 -4.77
N HIS A 122 -8.54 -4.22 -5.56
CA HIS A 122 -8.15 -3.46 -6.76
C HIS A 122 -8.09 -4.27 -8.06
N TYR A 123 -8.26 -5.58 -8.00
CA TYR A 123 -8.26 -6.46 -9.17
C TYR A 123 -9.47 -7.38 -9.16
N ARG A 124 -9.99 -7.73 -10.33
CA ARG A 124 -11.13 -8.64 -10.39
C ARG A 124 -10.72 -10.10 -10.31
N SER A 125 -9.50 -10.40 -10.75
CA SER A 125 -9.16 -11.76 -11.10
C SER A 125 -7.92 -12.24 -10.39
N LEU A 126 -8.01 -13.45 -9.86
CA LEU A 126 -6.94 -14.08 -9.11
C LEU A 126 -6.73 -15.46 -9.73
N SER A 127 -5.47 -15.84 -9.90
CA SER A 127 -5.14 -17.24 -10.12
C SER A 127 -3.73 -17.49 -9.57
N VAL A 128 -3.27 -18.73 -9.67
CA VAL A 128 -1.96 -19.08 -9.18
C VAL A 128 -1.19 -19.63 -10.36
N ILE A 129 -0.04 -19.02 -10.64
CA ILE A 129 0.79 -19.43 -11.80
C ILE A 129 2.11 -20.00 -11.29
N ASN A 130 2.66 -20.97 -12.02
CA ASN A 130 4.04 -21.40 -11.83
C ASN A 130 5.02 -20.33 -12.36
N ILE A 131 6.13 -20.19 -11.66
CA ILE A 131 7.27 -19.40 -12.14
C ILE A 131 8.43 -20.35 -12.43
N THR A 132 9.01 -20.27 -13.62
CA THR A 132 10.21 -21.01 -13.96
C THR A 132 11.45 -20.12 -13.91
N TYR A 133 12.61 -20.76 -13.90
CA TYR A 133 13.85 -19.98 -13.86
C TYR A 133 14.89 -20.60 -14.73
N THR A 134 15.86 -19.79 -15.15
CA THR A 134 17.07 -20.26 -15.77
C THR A 134 18.24 -20.06 -14.79
N TYR A 135 19.23 -20.94 -14.90
CA TYR A 135 20.29 -21.05 -13.91
C TYR A 135 21.51 -21.67 -14.58
N ASN A 136 22.65 -20.98 -14.57
CA ASN A 136 23.89 -21.52 -15.16
C ASN A 136 24.72 -22.22 -14.09
N GLY A 137 24.14 -23.22 -13.43
CA GLY A 137 24.89 -24.10 -12.54
C GLY A 137 24.38 -25.51 -12.63
N SER A 138 25.08 -26.44 -11.98
CA SER A 138 24.65 -27.85 -11.95
C SER A 138 23.85 -28.19 -10.68
N ALA A 139 23.83 -27.26 -9.73
CA ALA A 139 23.07 -27.43 -8.50
C ALA A 139 21.59 -27.49 -8.83
N GLY A 140 20.86 -28.32 -8.09
CA GLY A 140 19.44 -28.53 -8.34
C GLY A 140 18.61 -28.18 -7.14
N PRO A 141 17.29 -28.23 -7.30
CA PRO A 141 16.34 -27.86 -6.25
C PRO A 141 16.36 -28.89 -5.12
N VAL A 142 16.22 -28.44 -3.87
CA VAL A 142 16.17 -29.34 -2.72
C VAL A 142 15.01 -28.90 -1.85
N SER A 143 14.33 -29.89 -1.26
CA SER A 143 13.25 -29.65 -0.33
C SER A 143 13.83 -29.46 1.06
N MET A 144 14.13 -28.22 1.41
CA MET A 144 14.74 -27.93 2.66
C MET A 144 13.75 -27.54 3.72
N CYS A 145 12.48 -27.43 3.34
CA CYS A 145 11.47 -27.06 4.29
C CYS A 145 10.30 -28.05 4.19
N LYS A 146 10.19 -28.94 5.18
CA LYS A 146 9.13 -29.94 5.24
C LYS A 146 8.90 -30.46 6.63
N HIS A 147 7.71 -30.99 6.87
CA HIS A 147 7.27 -31.31 8.21
C HIS A 147 6.18 -32.37 8.17
N ILE A 148 6.21 -33.28 9.14
CA ILE A 148 5.17 -34.29 9.28
C ILE A 148 4.41 -34.02 10.58
N ALA A 149 3.10 -33.92 10.47
CA ALA A 149 2.25 -33.77 11.64
C ALA A 149 0.86 -34.21 11.28
N ASN A 150 0.19 -34.83 12.25
CA ASN A 150 -1.20 -35.25 12.08
C ASN A 150 -1.34 -36.16 10.86
N GLY A 151 -0.36 -37.05 10.70
CA GLY A 151 -0.26 -37.90 9.53
C GLY A 151 0.42 -37.18 8.38
N VAL A 152 -0.24 -36.11 7.91
CA VAL A 152 0.15 -35.36 6.71
C VAL A 152 1.59 -34.86 6.74
N THR A 153 2.29 -35.10 5.64
CA THR A 153 3.58 -34.50 5.41
C THR A 153 3.39 -33.29 4.45
N LEU A 154 3.86 -32.12 4.90
CA LEU A 154 3.76 -30.89 4.13
C LEU A 154 5.15 -30.55 3.59
N THR A 155 5.21 -30.30 2.29
CA THR A 155 6.47 -30.01 1.61
C THR A 155 6.34 -28.69 0.94
N LEU A 156 7.13 -27.75 1.42
CA LEU A 156 7.19 -26.44 0.86
C LEU A 156 7.85 -26.55 -0.49
N ASN A 157 7.31 -25.86 -1.48
CA ASN A 157 7.96 -25.82 -2.79
C ASN A 157 8.02 -24.42 -3.36
N ASN A 158 7.61 -23.44 -2.55
CA ASN A 158 7.71 -22.02 -2.92
C ASN A 158 8.19 -21.21 -1.72
N PRO A 159 9.37 -20.59 -1.84
CA PRO A 159 10.27 -20.58 -2.97
C PRO A 159 11.01 -21.89 -3.15
N THR A 160 11.68 -22.02 -4.29
CA THR A 160 12.57 -23.13 -4.56
C THR A 160 13.90 -22.86 -3.88
N PHE A 161 14.47 -23.90 -3.25
CA PHE A 161 15.84 -23.81 -2.72
C PHE A 161 16.77 -24.55 -3.64
N ILE A 162 17.87 -23.91 -4.01
CA ILE A 162 18.86 -24.51 -4.88
C ILE A 162 20.04 -24.94 -4.01
N GLY A 163 20.22 -26.24 -3.89
CA GLY A 163 21.20 -26.81 -3.00
C GLY A 163 22.60 -26.75 -3.52
N LYS A 164 23.51 -26.34 -2.64
CA LYS A 164 24.95 -26.37 -2.90
C LYS A 164 25.43 -27.83 -2.96
N GLU A 165 26.25 -28.16 -3.94
CA GLU A 165 26.83 -29.50 -4.03
C GLU A 165 28.14 -29.48 -3.27
N VAL A 166 28.11 -29.85 -1.99
CA VAL A 166 29.30 -29.74 -1.12
C VAL A 166 30.40 -30.73 -1.55
N SER A 167 30.02 -31.74 -2.33
CA SER A 167 30.98 -32.57 -3.04
C SER A 167 31.89 -31.73 -3.93
N LYS A 168 31.30 -30.74 -4.60
CA LYS A 168 32.00 -29.89 -5.58
C LYS A 168 32.69 -28.64 -5.01
N PRO A 169 33.71 -28.12 -5.73
CA PRO A 169 34.34 -26.85 -5.36
C PRO A 169 33.29 -25.78 -5.12
N ASP A 170 33.55 -24.93 -4.15
CA ASP A 170 32.59 -23.89 -3.78
C ASP A 170 32.24 -22.96 -4.96
N TYR A 171 33.18 -22.74 -5.89
CA TYR A 171 32.90 -21.79 -6.99
C TYR A 171 31.91 -22.33 -8.04
N TYR A 172 31.68 -23.65 -8.04
CA TYR A 172 30.62 -24.21 -8.88
C TYR A 172 29.23 -23.72 -8.49
N TYR A 173 29.05 -23.28 -7.25
CA TYR A 173 27.74 -22.90 -6.77
C TYR A 173 27.41 -21.50 -7.26
N GLU A 174 26.56 -21.41 -8.26
CA GLU A 174 26.13 -20.11 -8.75
C GLU A 174 25.07 -19.58 -7.77
N SER A 175 25.19 -18.32 -7.40
CA SER A 175 24.22 -17.76 -6.47
C SER A 175 23.31 -16.73 -7.12
N GLU A 176 23.01 -16.95 -8.42
CA GLU A 176 21.91 -16.24 -9.04
C GLU A 176 21.17 -17.02 -10.11
N ALA A 177 19.95 -16.59 -10.34
CA ALA A 177 19.03 -17.23 -11.28
C ALA A 177 18.10 -16.18 -11.86
N ASN A 178 17.72 -16.35 -13.12
CA ASN A 178 16.81 -15.42 -13.78
C ASN A 178 15.40 -15.98 -13.82
N PHE A 179 14.41 -15.12 -13.55
CA PHE A 179 13.02 -15.48 -13.82
C PHE A 179 12.30 -14.31 -14.45
N THR A 180 11.26 -14.64 -15.21
CA THR A 180 10.40 -13.68 -15.87
C THR A 180 8.98 -13.77 -15.26
N LEU A 181 8.40 -12.60 -14.99
CA LEU A 181 6.99 -12.50 -14.63
C LEU A 181 6.26 -11.88 -15.82
N GLN A 182 5.34 -12.64 -16.40
CA GLN A 182 4.54 -12.16 -17.51
C GLN A 182 3.12 -12.72 -17.39
N GLY A 183 2.19 -12.08 -18.07
CA GLY A 183 0.82 -12.56 -18.15
C GLY A 183 -0.10 -12.07 -17.06
N CYS A 184 0.36 -11.19 -16.17
CA CYS A 184 -0.49 -10.60 -15.11
C CYS A 184 -0.18 -9.11 -14.96
N ASP A 185 -1.10 -8.35 -14.38
CA ASP A 185 -0.85 -6.94 -14.07
C ASP A 185 0.10 -6.84 -12.90
N GLU A 186 -0.16 -7.64 -11.87
CA GLU A 186 0.76 -7.75 -10.73
C GLU A 186 0.89 -9.21 -10.31
N PHE A 187 1.97 -9.47 -9.60
CA PHE A 187 2.33 -10.80 -9.13
C PHE A 187 2.66 -10.73 -7.64
N ILE A 188 2.02 -11.55 -6.83
CA ILE A 188 2.48 -11.72 -5.44
C ILE A 188 3.46 -12.86 -5.34
N VAL A 189 4.70 -12.56 -4.92
CA VAL A 189 5.73 -13.58 -4.74
C VAL A 189 6.39 -13.48 -3.38
N PRO A 190 6.91 -14.61 -2.88
CA PRO A 190 7.54 -14.59 -1.58
C PRO A 190 9.03 -14.29 -1.69
N LEU A 191 9.53 -13.44 -0.79
CA LEU A 191 10.97 -13.20 -0.66
C LEU A 191 11.32 -13.62 0.76
N CYS A 192 12.12 -14.67 0.90
CA CYS A 192 12.33 -15.31 2.21
C CYS A 192 13.80 -15.55 2.54
N VAL A 193 14.11 -15.53 3.82
CA VAL A 193 15.43 -15.99 4.31
C VAL A 193 15.22 -16.82 5.58
N PHE A 194 16.15 -17.73 5.81
CA PHE A 194 16.23 -18.40 7.10
C PHE A 194 16.84 -17.43 8.10
N ASN A 195 16.28 -17.45 9.31
CA ASN A 195 16.67 -16.59 10.41
C ASN A 195 16.63 -17.39 11.69
N GLY A 196 17.70 -17.32 12.48
CA GLY A 196 17.73 -17.95 13.80
C GLY A 196 19.03 -18.67 14.09
N GLN A 197 19.16 -19.23 15.30
CA GLN A 197 20.39 -19.93 15.65
C GLN A 197 20.28 -21.41 15.36
N TYR A 198 21.41 -21.99 14.93
CA TYR A 198 21.53 -23.44 14.71
C TYR A 198 21.29 -24.17 16.03
N LEU A 199 20.70 -25.36 15.91
CA LEU A 199 20.59 -26.37 16.98
C LEU A 199 21.90 -26.51 17.77
N SER A 200 21.76 -26.48 19.10
CA SER A 200 22.87 -26.62 20.07
C SER A 200 24.04 -25.68 19.80
N SER A 201 23.72 -24.48 19.34
CA SER A 201 24.75 -23.55 18.90
C SER A 201 24.31 -22.12 19.15
N LYS A 202 25.29 -21.30 19.52
CA LYS A 202 25.01 -19.90 19.77
C LYS A 202 25.01 -19.09 18.46
N LEU A 203 25.43 -19.71 17.36
CA LEU A 203 25.72 -19.01 16.13
C LEU A 203 24.48 -18.95 15.22
N TYR A 204 24.27 -17.77 14.66
CA TYR A 204 23.10 -17.46 13.83
C TYR A 204 23.33 -17.88 12.39
N TYR A 205 22.28 -18.39 11.76
CA TYR A 205 22.35 -18.75 10.36
C TYR A 205 22.49 -17.52 9.48
N ASP A 206 23.38 -17.62 8.50
CA ASP A 206 23.66 -16.57 7.55
C ASP A 206 22.92 -16.79 6.21
N ASP A 207 22.00 -15.89 5.86
CA ASP A 207 21.25 -16.00 4.59
C ASP A 207 21.10 -14.62 3.98
N SER A 208 20.85 -14.59 2.68
CA SER A 208 20.67 -13.34 1.95
C SER A 208 19.81 -13.67 0.76
N GLN A 209 18.88 -12.78 0.43
CA GLN A 209 18.10 -12.94 -0.80
C GLN A 209 17.65 -11.60 -1.37
N TYR A 210 18.06 -11.36 -2.61
CA TYR A 210 17.66 -10.15 -3.35
C TYR A 210 16.83 -10.53 -4.59
N TYR A 211 15.81 -9.74 -4.91
CA TYR A 211 15.16 -9.82 -6.24
C TYR A 211 15.35 -8.46 -6.92
N TYR A 212 16.01 -8.50 -8.08
CA TYR A 212 16.37 -7.32 -8.81
C TYR A 212 15.61 -7.27 -10.16
N ASN A 213 14.95 -6.13 -10.41
CA ASN A 213 14.24 -5.91 -11.64
C ASN A 213 15.21 -5.30 -12.64
N VAL A 214 15.58 -6.09 -13.65
CA VAL A 214 16.60 -5.71 -14.63
C VAL A 214 16.17 -4.49 -15.43
N ASP A 215 14.89 -4.42 -15.74
CA ASP A 215 14.37 -3.33 -16.55
C ASP A 215 14.32 -2.00 -15.77
N THR A 216 13.88 -2.04 -14.51
CA THR A 216 13.66 -0.79 -13.76
C THR A 216 14.82 -0.41 -12.85
N GLY A 217 15.68 -1.35 -12.53
CA GLY A 217 16.77 -1.10 -11.58
C GLY A 217 16.37 -1.17 -10.11
N VAL A 218 15.11 -1.51 -9.84
CA VAL A 218 14.61 -1.60 -8.47
C VAL A 218 14.97 -2.95 -7.86
N LEU A 219 15.47 -2.87 -6.63
CA LEU A 219 15.96 -4.02 -5.86
C LEU A 219 15.19 -4.17 -4.55
N TYR A 220 14.68 -5.36 -4.31
CA TYR A 220 14.12 -5.75 -3.01
C TYR A 220 14.99 -6.82 -2.39
N GLY A 221 15.47 -6.57 -1.17
CA GLY A 221 16.32 -7.55 -0.51
C GLY A 221 15.99 -7.82 0.92
N PHE A 222 16.52 -8.93 1.41
CA PHE A 222 16.24 -9.41 2.77
C PHE A 222 17.43 -10.25 3.20
N ASN A 223 18.14 -9.78 4.23
CA ASN A 223 19.23 -10.52 4.84
C ASN A 223 18.86 -11.01 6.23
N SER A 224 19.44 -12.13 6.66
CA SER A 224 19.24 -12.61 8.01
C SER A 224 19.93 -11.67 8.99
N THR A 225 19.45 -11.65 10.21
CA THR A 225 20.02 -10.84 11.25
C THR A 225 20.30 -11.71 12.47
N LEU A 226 20.93 -11.09 13.46
CA LEU A 226 21.27 -11.75 14.72
C LEU A 226 20.22 -11.53 15.81
N ASN A 227 19.04 -11.04 15.43
CA ASN A 227 17.96 -10.77 16.38
C ASN A 227 17.54 -12.04 17.11
N ILE A 228 17.40 -11.92 18.42
CA ILE A 228 16.96 -13.03 19.24
C ILE A 228 15.58 -13.39 18.75
N THR A 229 15.45 -14.58 18.20
CA THR A 229 14.16 -15.12 17.88
C THR A 229 14.19 -16.52 18.47
N SER A 230 13.12 -17.31 18.33
CA SER A 230 13.18 -18.67 18.81
C SER A 230 13.12 -19.62 17.65
N GLY A 231 14.18 -20.40 17.49
CA GLY A 231 14.24 -21.41 16.45
C GLY A 231 14.88 -20.84 15.21
N LEU A 232 15.21 -21.73 14.31
CA LEU A 232 15.69 -21.39 12.99
C LEU A 232 14.57 -21.73 12.05
N ASP A 233 14.06 -20.74 11.32
CA ASP A 233 12.97 -21.03 10.36
C ASP A 233 12.94 -19.97 9.26
N LEU A 234 12.01 -20.14 8.34
CA LEU A 234 11.93 -19.30 7.15
C LEU A 234 11.01 -18.10 7.37
N THR A 235 11.58 -16.90 7.29
CA THR A 235 10.78 -15.68 7.36
C THR A 235 10.53 -15.17 5.95
N CYS A 236 9.28 -14.97 5.60
CA CYS A 236 8.95 -14.50 4.25
C CYS A 236 8.29 -13.13 4.27
N ILE A 237 8.64 -12.30 3.30
CA ILE A 237 7.85 -11.12 3.00
C ILE A 237 7.24 -11.30 1.62
N TYR A 238 6.12 -10.62 1.37
CA TYR A 238 5.36 -10.89 0.13
C TYR A 238 5.29 -9.63 -0.69
N LEU A 239 5.95 -9.68 -1.83
CA LEU A 239 6.07 -8.53 -2.69
C LEU A 239 5.00 -8.58 -3.75
N ALA A 240 4.51 -7.40 -4.13
CA ALA A 240 3.64 -7.28 -5.27
C ALA A 240 4.51 -6.73 -6.38
N LEU A 241 4.89 -7.56 -7.34
CA LEU A 241 5.78 -7.12 -8.40
C LEU A 241 5.04 -6.95 -9.73
N THR A 242 5.68 -6.22 -10.64
CA THR A 242 5.12 -5.92 -11.96
C THR A 242 5.77 -6.83 -13.00
N PRO A 243 5.11 -7.00 -14.17
CA PRO A 243 5.71 -7.81 -15.23
C PRO A 243 7.10 -7.32 -15.54
N GLY A 244 8.04 -8.24 -15.63
CA GLY A 244 9.39 -7.90 -16.12
C GLY A 244 10.35 -9.04 -15.99
N ASN A 245 11.61 -8.74 -16.25
CA ASN A 245 12.70 -9.69 -16.07
C ASN A 245 13.43 -9.42 -14.77
N TYR A 246 13.55 -10.45 -13.95
CA TYR A 246 14.18 -10.38 -12.65
C TYR A 246 15.39 -11.29 -12.55
N ILE A 247 16.32 -10.91 -11.68
CA ILE A 247 17.36 -11.80 -11.21
C ILE A 247 17.17 -12.03 -9.70
N SER A 248 17.26 -13.30 -9.30
CA SER A 248 17.30 -13.67 -7.90
C SER A 248 18.75 -13.88 -7.49
N ILE A 249 19.17 -13.21 -6.42
CA ILE A 249 20.58 -13.17 -6.04
C ILE A 249 20.77 -13.42 -4.58
N SER A 250 21.65 -14.36 -4.22
CA SER A 250 21.82 -14.73 -2.82
C SER A 250 23.22 -14.43 -2.26
N ASN A 251 24.06 -13.76 -3.05
CA ASN A 251 25.35 -13.26 -2.58
C ASN A 251 26.21 -14.34 -1.95
N GLU A 252 26.29 -15.47 -2.65
CA GLU A 252 27.07 -16.64 -2.26
C GLU A 252 26.50 -17.46 -1.09
N LEU A 253 25.31 -17.11 -0.64
CA LEU A 253 24.63 -17.90 0.37
C LEU A 253 23.51 -18.69 -0.31
N LEU A 254 22.64 -19.31 0.45
CA LEU A 254 21.59 -20.19 -0.11
C LEU A 254 20.68 -19.48 -1.12
N LEU A 255 20.61 -19.99 -2.34
CA LEU A 255 19.81 -19.35 -3.38
C LEU A 255 18.38 -19.83 -3.34
N THR A 256 17.42 -18.90 -3.23
CA THR A 256 16.01 -19.18 -3.40
C THR A 256 15.42 -18.40 -4.58
N VAL A 257 14.41 -18.97 -5.21
CA VAL A 257 13.75 -18.33 -6.34
C VAL A 257 12.27 -18.71 -6.29
N PRO A 258 11.36 -17.76 -6.57
CA PRO A 258 9.92 -18.10 -6.54
C PRO A 258 9.57 -19.20 -7.50
N SER A 259 8.64 -20.07 -7.10
CA SER A 259 8.12 -21.14 -7.95
C SER A 259 6.63 -20.94 -8.29
N LYS A 260 5.97 -20.09 -7.54
CA LYS A 260 4.57 -19.75 -7.77
C LYS A 260 4.31 -18.28 -7.41
N ALA A 261 3.30 -17.71 -8.07
CA ALA A 261 2.86 -16.35 -7.84
C ALA A 261 1.35 -16.30 -7.87
N ILE A 262 0.78 -15.39 -7.10
CA ILE A 262 -0.61 -15.03 -7.29
C ILE A 262 -0.64 -14.04 -8.43
N CYS A 263 -1.37 -14.42 -9.48
CA CYS A 263 -1.52 -13.65 -10.73
C CYS A 263 -2.73 -12.71 -10.57
N LEU A 264 -2.47 -11.40 -10.52
CA LEU A 264 -3.53 -10.42 -10.35
C LEU A 264 -3.83 -9.77 -11.69
N ARG A 265 -5.08 -9.84 -12.14
CA ARG A 265 -5.49 -9.20 -13.41
C ARG A 265 -6.81 -8.44 -13.32
N LYS A 266 -7.02 -7.61 -14.32
CA LYS A 266 -8.26 -6.88 -14.54
C LYS A 266 -8.54 -5.90 -13.39
N PRO A 267 -7.90 -4.71 -13.46
CA PRO A 267 -8.13 -3.63 -12.52
C PRO A 267 -9.59 -3.22 -12.42
N LYS A 268 -9.98 -2.82 -11.23
CA LYS A 268 -11.33 -2.37 -10.94
C LYS A 268 -11.25 -1.21 -9.98
N ALA A 269 -12.28 -0.38 -9.98
CA ALA A 269 -12.43 0.60 -8.93
C ALA A 269 -12.43 -0.13 -7.58
N PHE A 270 -11.81 0.52 -6.60
CA PHE A 270 -11.70 -0.01 -5.26
C PHE A 270 -12.98 -0.67 -4.78
N THR A 271 -12.91 -1.94 -4.42
CA THR A 271 -14.08 -2.71 -3.95
C THR A 271 -13.66 -3.58 -2.79
N PRO A 272 -14.06 -3.22 -1.56
CA PRO A 272 -13.60 -4.01 -0.40
C PRO A 272 -13.91 -5.50 -0.50
N VAL A 273 -13.00 -6.29 0.03
CA VAL A 273 -13.14 -7.71 0.13
C VAL A 273 -13.92 -8.06 1.40
N GLN A 274 -14.55 -9.24 1.41
CA GLN A 274 -15.18 -9.79 2.61
C GLN A 274 -14.47 -11.08 3.00
N VAL A 275 -14.12 -11.18 4.28
CA VAL A 275 -13.39 -12.32 4.79
C VAL A 275 -14.15 -12.93 5.98
N VAL A 276 -14.42 -14.23 5.92
CA VAL A 276 -15.05 -14.96 6.99
C VAL A 276 -14.00 -15.71 7.82
N ASP A 277 -14.07 -15.55 9.14
CA ASP A 277 -13.11 -16.21 10.06
C ASP A 277 -13.10 -17.70 9.78
N SER A 278 -11.93 -18.25 9.51
CA SER A 278 -11.77 -19.66 9.16
C SER A 278 -11.01 -20.39 10.28
N ARG A 279 -11.75 -21.14 11.10
CA ARG A 279 -11.18 -21.77 12.29
C ARG A 279 -11.76 -23.15 12.54
N TRP A 280 -11.03 -23.90 13.33
CA TRP A 280 -11.45 -25.25 13.75
C TRP A 280 -12.38 -25.16 14.95
N HIS A 281 -13.10 -26.24 15.24
CA HIS A 281 -13.73 -26.42 16.55
C HIS A 281 -12.61 -26.33 17.58
N SER A 282 -12.94 -25.85 18.77
CA SER A 282 -11.92 -25.44 19.74
C SER A 282 -11.01 -26.53 20.28
N ASN A 283 -11.30 -27.80 20.01
CA ASN A 283 -10.35 -28.87 20.33
C ASN A 283 -9.07 -28.80 19.47
N ARG A 284 -9.09 -28.05 18.39
CA ARG A 284 -7.87 -27.73 17.66
C ARG A 284 -7.52 -26.25 17.72
N GLN A 285 -6.22 -25.97 17.76
CA GLN A 285 -5.75 -24.59 17.82
C GLN A 285 -5.81 -23.86 16.47
N SER A 286 -6.51 -22.73 16.48
CA SER A 286 -6.67 -21.87 15.33
C SER A 286 -5.82 -20.62 15.59
N ASP A 287 -5.91 -19.65 14.69
CA ASP A 287 -5.18 -18.40 14.82
C ASP A 287 -6.03 -17.28 14.26
N ASN A 288 -5.65 -16.04 14.54
CA ASN A 288 -6.38 -14.89 13.99
C ASN A 288 -5.61 -14.10 12.92
N MET A 289 -4.75 -14.79 12.19
CA MET A 289 -3.87 -14.11 11.27
C MET A 289 -4.70 -13.42 10.19
N THR A 290 -5.76 -14.07 9.70
CA THR A 290 -6.55 -13.48 8.62
C THR A 290 -7.31 -12.23 9.15
N ALA A 291 -7.61 -12.20 10.45
CA ALA A 291 -8.20 -11.00 11.05
C ALA A 291 -7.18 -9.86 11.23
N ILE A 292 -5.91 -10.20 11.43
CA ILE A 292 -4.86 -9.18 11.38
C ILE A 292 -4.78 -8.61 9.96
N ALA A 293 -4.86 -9.49 8.97
CA ALA A 293 -4.73 -9.10 7.56
C ALA A 293 -5.89 -8.31 7.05
N CYS A 294 -7.07 -8.53 7.64
CA CYS A 294 -8.28 -7.93 7.12
C CYS A 294 -8.55 -6.62 7.84
N GLN A 295 -8.15 -5.50 7.22
CA GLN A 295 -8.34 -4.18 7.81
C GLN A 295 -9.15 -3.24 6.92
N LEU A 296 -9.75 -2.25 7.55
CA LEU A 296 -10.45 -1.19 6.83
C LEU A 296 -9.43 -0.31 6.12
N PRO A 297 -9.80 0.26 4.97
CA PRO A 297 -11.08 0.20 4.28
C PRO A 297 -11.19 -0.94 3.25
N TYR A 298 -10.13 -1.71 3.07
CA TYR A 298 -10.08 -2.72 2.01
C TYR A 298 -10.74 -4.05 2.34
N CYS A 299 -11.14 -4.28 3.59
CA CYS A 299 -11.63 -5.58 3.98
C CYS A 299 -12.63 -5.51 5.12
N TYR A 300 -13.70 -6.28 5.00
CA TYR A 300 -14.68 -6.48 6.05
C TYR A 300 -14.53 -7.90 6.57
N PHE A 301 -14.45 -8.04 7.90
CA PHE A 301 -14.23 -9.32 8.55
C PHE A 301 -15.51 -9.78 9.19
N ARG A 302 -15.87 -11.04 8.97
CA ARG A 302 -17.07 -11.58 9.58
C ARG A 302 -16.78 -12.79 10.46
N ASN A 303 -17.43 -12.83 11.61
CA ASN A 303 -17.22 -13.90 12.58
C ASN A 303 -18.49 -14.16 13.39
N THR A 304 -18.67 -15.40 13.86
CA THR A 304 -19.79 -15.71 14.76
C THR A 304 -19.39 -15.32 16.18
N THR A 305 -20.28 -15.53 17.16
CA THR A 305 -19.96 -15.33 18.56
C THR A 305 -19.83 -16.63 19.34
N SER A 306 -19.58 -17.73 18.64
CA SER A 306 -19.56 -19.04 19.29
C SER A 306 -18.46 -19.95 18.72
N ASP A 307 -18.17 -21.03 19.44
CA ASP A 307 -17.29 -22.08 18.96
C ASP A 307 -17.80 -22.62 17.61
N TYR A 308 -16.91 -23.16 16.79
CA TYR A 308 -17.30 -23.83 15.56
C TYR A 308 -17.78 -25.23 15.96
N ASN A 309 -19.09 -25.47 15.87
CA ASN A 309 -19.70 -26.73 16.30
C ASN A 309 -20.34 -27.43 15.11
N GLY A 310 -19.52 -28.19 14.39
CA GLY A 310 -19.94 -28.83 13.16
C GLY A 310 -20.95 -29.92 13.40
N VAL A 311 -21.87 -30.06 12.46
CA VAL A 311 -22.92 -31.08 12.54
C VAL A 311 -22.48 -32.34 11.81
N TYR A 312 -21.68 -32.18 10.76
CA TYR A 312 -21.20 -33.32 9.99
C TYR A 312 -20.12 -34.06 10.75
N ASP A 313 -19.12 -33.32 11.20
CA ASP A 313 -18.21 -33.73 12.27
C ASP A 313 -17.89 -32.41 12.96
N SER A 314 -17.00 -32.43 13.94
CA SER A 314 -16.78 -31.25 14.79
C SER A 314 -16.44 -30.02 13.98
N HIS A 315 -15.70 -30.24 12.89
CA HIS A 315 -15.15 -29.15 12.11
C HIS A 315 -15.92 -28.80 10.82
N HIS A 316 -17.10 -29.35 10.61
CA HIS A 316 -17.84 -29.15 9.34
C HIS A 316 -19.34 -29.05 9.55
N GLY A 317 -19.91 -27.90 9.17
CA GLY A 317 -21.37 -27.71 9.17
C GLY A 317 -21.84 -27.03 10.44
N ASP A 318 -21.34 -25.81 10.68
CA ASP A 318 -21.69 -25.00 11.83
C ASP A 318 -22.86 -24.06 11.54
N ALA A 319 -23.83 -24.01 12.42
CA ALA A 319 -24.98 -23.12 12.27
C ALA A 319 -24.65 -21.63 12.18
N GLY A 320 -23.75 -21.14 13.01
CA GLY A 320 -23.35 -19.73 12.95
C GLY A 320 -22.68 -19.36 11.62
N PHE A 321 -21.72 -20.16 11.17
CA PHE A 321 -21.04 -19.87 9.91
C PHE A 321 -21.97 -20.09 8.72
N THR A 322 -22.89 -21.02 8.84
CA THR A 322 -23.87 -21.23 7.77
C THR A 322 -24.74 -19.99 7.65
N SER A 323 -25.10 -19.42 8.79
CA SER A 323 -25.85 -18.18 8.85
C SER A 323 -25.09 -16.98 8.21
N ILE A 324 -23.78 -16.90 8.38
CA ILE A 324 -23.00 -15.85 7.77
C ILE A 324 -22.95 -16.01 6.23
N LEU A 325 -22.66 -17.23 5.79
CA LEU A 325 -22.56 -17.52 4.40
C LEU A 325 -23.91 -17.50 3.71
N ALA A 326 -25.00 -17.54 4.47
CA ALA A 326 -26.35 -17.49 3.87
C ALA A 326 -26.63 -16.21 3.06
N GLY A 327 -25.88 -15.14 3.35
CA GLY A 327 -26.04 -13.93 2.57
C GLY A 327 -25.68 -14.02 1.09
N LEU A 328 -24.92 -15.03 0.70
CA LEU A 328 -24.57 -15.22 -0.70
C LEU A 328 -25.78 -15.59 -1.54
N MET A 329 -26.90 -15.97 -0.93
CA MET A 329 -28.11 -16.33 -1.67
C MET A 329 -28.96 -15.13 -2.12
N TYR A 330 -28.64 -13.93 -1.66
CA TYR A 330 -29.44 -12.76 -2.02
C TYR A 330 -28.55 -11.53 -2.14
N ASN A 331 -29.10 -10.48 -2.72
CA ASN A 331 -28.39 -9.21 -2.87
C ASN A 331 -28.68 -8.34 -1.69
N VAL A 332 -27.74 -7.46 -1.37
CA VAL A 332 -27.96 -6.46 -0.35
C VAL A 332 -27.69 -5.09 -0.97
N SER A 333 -28.07 -4.03 -0.27
CA SER A 333 -27.87 -2.69 -0.80
C SER A 333 -26.47 -2.21 -0.52
N CYS A 334 -25.91 -2.63 0.60
CA CYS A 334 -24.76 -1.95 1.16
C CYS A 334 -23.96 -2.89 2.08
N LEU A 335 -22.64 -2.89 1.93
CA LEU A 335 -21.72 -3.62 2.81
C LEU A 335 -21.00 -2.65 3.71
N ALA A 336 -20.80 -3.00 4.98
CA ALA A 336 -20.22 -2.07 5.93
C ALA A 336 -19.50 -2.80 7.05
N GLN A 337 -18.70 -2.06 7.82
CA GLN A 337 -17.93 -2.62 8.94
C GLN A 337 -18.76 -3.50 9.90
N GLN A 338 -19.95 -3.04 10.27
CA GLN A 338 -20.78 -3.74 11.23
C GLN A 338 -21.69 -4.82 10.63
N GLY A 339 -21.71 -4.97 9.31
CA GLY A 339 -22.57 -5.95 8.64
C GLY A 339 -23.10 -5.43 7.33
N ALA A 340 -24.01 -6.21 6.72
CA ALA A 340 -24.65 -5.85 5.46
C ALA A 340 -26.04 -5.26 5.72
N PHE A 341 -26.40 -4.23 4.97
CA PHE A 341 -27.72 -3.62 5.07
C PHE A 341 -28.49 -4.03 3.83
N VAL A 342 -29.60 -4.71 4.02
CA VAL A 342 -30.38 -5.24 2.92
C VAL A 342 -30.97 -4.10 2.07
N TYR A 343 -31.45 -3.05 2.74
CA TYR A 343 -32.18 -1.95 2.09
C TYR A 343 -31.36 -0.66 2.07
N ASN A 344 -31.64 0.16 1.06
CA ASN A 344 -30.82 1.33 0.77
C ASN A 344 -31.35 2.64 1.35
N ASN A 345 -32.44 2.57 2.10
CA ASN A 345 -33.15 3.79 2.47
C ASN A 345 -32.91 4.26 3.89
N VAL A 346 -33.46 3.58 4.88
CA VAL A 346 -33.28 4.00 6.26
C VAL A 346 -32.85 2.84 7.12
N SER A 347 -32.20 3.17 8.23
CA SER A 347 -31.79 2.17 9.22
C SER A 347 -31.68 2.89 10.54
N SER A 348 -31.59 2.11 11.61
CA SER A 348 -31.41 2.67 12.94
C SER A 348 -29.93 2.89 13.28
N SER A 349 -29.00 2.35 12.50
CA SER A 349 -27.58 2.69 12.69
C SER A 349 -26.90 3.22 11.41
N TRP A 350 -25.83 3.99 11.60
CA TRP A 350 -25.11 4.60 10.50
C TRP A 350 -24.14 3.60 9.89
N PRO A 351 -24.27 3.31 8.59
CA PRO A 351 -23.25 2.38 8.04
C PRO A 351 -21.83 2.92 8.21
N GLN A 352 -20.91 2.11 8.73
CA GLN A 352 -19.51 2.50 8.91
C GLN A 352 -18.68 1.99 7.75
N TYR A 353 -17.86 2.86 7.15
CA TYR A 353 -17.01 2.50 6.01
C TYR A 353 -17.79 1.71 4.96
N PRO A 354 -18.90 2.28 4.49
CA PRO A 354 -19.83 1.56 3.65
C PRO A 354 -19.38 1.43 2.19
N TYR A 355 -19.90 0.42 1.53
CA TYR A 355 -19.76 0.28 0.11
C TYR A 355 -21.13 -0.09 -0.44
N GLY A 356 -21.62 0.66 -1.42
CA GLY A 356 -22.93 0.39 -2.00
C GLY A 356 -23.84 1.59 -1.97
N HIS A 357 -25.14 1.32 -1.95
CA HIS A 357 -26.17 2.33 -1.88
C HIS A 357 -26.71 2.27 -0.47
N CYS A 358 -26.22 3.16 0.36
CA CYS A 358 -26.32 2.94 1.78
C CYS A 358 -27.44 3.76 2.43
N PRO A 359 -28.12 3.18 3.41
CA PRO A 359 -29.22 3.85 4.07
C PRO A 359 -28.73 4.91 5.05
N THR A 360 -29.63 5.83 5.38
CA THR A 360 -29.33 6.88 6.34
C THR A 360 -29.96 6.52 7.68
N ALA A 361 -29.33 6.97 8.74
CA ALA A 361 -29.92 6.79 10.07
C ALA A 361 -30.43 8.11 10.64
N ALA A 362 -30.62 9.13 9.81
CA ALA A 362 -31.18 10.42 10.27
C ALA A 362 -32.66 10.28 10.60
N ASN A 363 -33.19 11.16 11.46
CA ASN A 363 -34.66 11.22 11.67
C ASN A 363 -35.26 11.87 10.45
N ILE A 364 -35.96 11.12 9.62
CA ILE A 364 -36.62 11.72 8.47
C ILE A 364 -37.75 12.64 8.98
N VAL A 365 -37.97 13.79 8.33
CA VAL A 365 -38.92 14.81 8.83
C VAL A 365 -40.40 14.46 8.54
N PHE B 3 -32.17 19.40 -3.64
CA PHE B 3 -31.74 19.49 -2.21
C PHE B 3 -30.51 18.63 -1.97
N ASN B 4 -29.55 19.20 -1.24
CA ASN B 4 -28.36 18.48 -0.75
C ASN B 4 -27.57 17.79 -1.86
N GLU B 5 -27.44 18.49 -2.98
CA GLU B 5 -26.55 18.05 -4.02
C GLU B 5 -25.13 18.16 -3.47
N PRO B 6 -24.23 17.31 -3.96
CA PRO B 6 -22.84 17.36 -3.50
C PRO B 6 -22.16 18.65 -3.94
N LEU B 7 -21.47 19.31 -3.03
CA LEU B 7 -20.92 20.61 -3.32
C LEU B 7 -19.46 20.46 -3.70
N ASN B 8 -19.01 21.27 -4.64
CA ASN B 8 -17.62 21.24 -5.03
C ASN B 8 -16.81 22.07 -4.07
N VAL B 9 -16.62 21.54 -2.87
CA VAL B 9 -15.83 22.22 -1.83
C VAL B 9 -14.94 21.23 -1.11
N VAL B 10 -13.95 21.77 -0.42
CA VAL B 10 -13.31 21.02 0.63
C VAL B 10 -13.90 21.48 1.95
N SER B 11 -14.09 20.52 2.87
CA SER B 11 -14.68 20.85 4.16
C SER B 11 -14.25 19.84 5.22
N HIS B 12 -15.09 19.66 6.23
CA HIS B 12 -14.76 18.86 7.38
C HIS B 12 -16.05 18.49 8.12
N LEU B 13 -16.01 17.37 8.85
CA LEU B 13 -17.16 16.89 9.61
C LEU B 13 -17.23 17.57 10.96
N ASN B 14 -16.10 18.06 11.43
CA ASN B 14 -16.01 18.67 12.74
C ASN B 14 -14.79 19.59 12.78
N ASP B 15 -14.33 19.95 13.97
CA ASP B 15 -13.27 20.93 14.11
C ASP B 15 -11.88 20.38 13.88
N ASP B 16 -11.78 19.08 13.75
CA ASP B 16 -10.49 18.41 13.77
C ASP B 16 -9.93 18.26 12.37
N TRP B 17 -9.58 19.39 11.75
CA TRP B 17 -9.04 19.38 10.38
C TRP B 17 -7.81 20.26 10.30
N PHE B 18 -7.06 20.07 9.23
CA PHE B 18 -5.84 20.84 9.04
C PHE B 18 -5.57 21.02 7.55
N LEU B 19 -5.22 22.25 7.18
CA LEU B 19 -4.91 22.64 5.81
C LEU B 19 -3.43 22.91 5.64
N PHE B 20 -2.86 22.30 4.60
CA PHE B 20 -1.50 22.60 4.16
C PHE B 20 -1.58 23.39 2.85
N GLY B 21 -0.92 24.55 2.81
CA GLY B 21 -1.02 25.44 1.64
C GLY B 21 0.19 26.25 1.24
N ASP B 22 -0.07 27.20 0.33
CA ASP B 22 0.98 28.07 -0.20
C ASP B 22 0.53 29.53 -0.04
N SER B 23 0.96 30.42 -0.95
CA SER B 23 0.64 31.85 -0.80
C SER B 23 -0.87 32.07 -0.74
N ARG B 24 -1.61 31.20 -1.41
CA ARG B 24 -3.06 31.34 -1.49
C ARG B 24 -3.77 31.03 -0.18
N SER B 25 -3.02 30.52 0.80
CA SER B 25 -3.52 30.21 2.12
C SER B 25 -2.65 30.79 3.22
N ASP B 26 -1.70 31.66 2.86
CA ASP B 26 -0.69 32.13 3.81
C ASP B 26 -1.04 33.54 4.31
N CYS B 27 -1.54 33.60 5.55
CA CYS B 27 -2.01 34.84 6.16
C CYS B 27 -0.86 35.82 6.47
N ASN B 28 0.35 35.32 6.64
CA ASN B 28 1.47 36.19 6.97
C ASN B 28 2.00 36.96 5.73
N HIS B 29 1.71 36.43 4.55
CA HIS B 29 2.25 36.98 3.30
C HIS B 29 1.86 38.44 3.07
N ILE B 30 0.71 38.85 3.60
CA ILE B 30 0.31 40.25 3.56
C ILE B 30 1.41 41.20 4.07
N ASN B 31 2.22 40.74 5.02
CA ASN B 31 3.29 41.58 5.57
C ASN B 31 4.45 41.80 4.62
N ASN B 32 4.50 41.03 3.53
CA ASN B 32 5.56 41.17 2.55
C ASN B 32 5.03 41.64 1.20
N LEU B 33 3.83 42.20 1.20
CA LEU B 33 3.24 42.74 -0.01
C LEU B 33 3.11 44.24 0.10
N SER B 34 3.29 44.91 -1.03
CA SER B 34 3.09 46.33 -1.18
C SER B 34 1.62 46.72 -1.00
N GLN B 35 0.74 45.91 -1.57
CA GLN B 35 -0.70 46.15 -1.54
C GLN B 35 -1.30 45.28 -0.43
N GLN B 36 -1.59 45.87 0.73
CA GLN B 36 -1.86 45.07 1.93
C GLN B 36 -3.34 44.80 2.22
N ASN B 37 -3.87 43.81 1.50
CA ASN B 37 -5.17 43.23 1.76
C ASN B 37 -5.03 41.71 1.48
N TYR B 38 -6.09 40.94 1.73
CA TYR B 38 -6.05 39.49 1.60
C TYR B 38 -6.60 38.93 0.30
N ASN B 39 -6.75 39.77 -0.72
CA ASN B 39 -7.31 39.31 -1.98
C ASN B 39 -6.41 38.36 -2.74
N TYR B 40 -5.17 38.21 -2.25
CA TYR B 40 -4.27 37.24 -2.83
C TYR B 40 -4.60 35.81 -2.40
N MET B 41 -5.41 35.67 -1.35
CA MET B 41 -5.76 34.39 -0.77
C MET B 41 -7.03 33.86 -1.40
N ASP B 42 -7.07 32.54 -1.57
CA ASP B 42 -8.28 31.83 -1.95
C ASP B 42 -9.08 31.37 -0.73
N ILE B 43 -8.48 31.49 0.47
CA ILE B 43 -9.21 31.19 1.70
C ILE B 43 -9.83 32.42 2.31
N ASN B 44 -10.85 32.20 3.12
CA ASN B 44 -11.47 33.27 3.85
C ASN B 44 -10.51 33.70 4.97
N PRO B 45 -10.17 35.00 5.05
CA PRO B 45 -9.20 35.42 6.06
C PRO B 45 -9.65 35.21 7.50
N GLU B 46 -10.94 34.97 7.72
CA GLU B 46 -11.45 34.59 9.06
C GLU B 46 -10.74 33.36 9.60
N LEU B 47 -10.19 32.53 8.71
CA LEU B 47 -9.49 31.31 9.12
C LEU B 47 -8.07 31.56 9.60
N CYS B 48 -7.56 32.75 9.39
CA CYS B 48 -6.21 33.09 9.82
C CYS B 48 -5.97 32.86 11.29
N LYS B 49 -7.01 32.97 12.09
CA LYS B 49 -6.87 32.81 13.52
C LYS B 49 -7.26 31.42 14.04
N SER B 50 -7.58 30.52 13.13
CA SER B 50 -8.03 29.16 13.46
C SER B 50 -6.93 28.29 14.09
N GLY B 51 -5.67 28.53 13.77
CA GLY B 51 -4.59 27.62 14.13
C GLY B 51 -4.66 26.30 13.35
N LYS B 52 -5.30 26.29 12.19
CA LYS B 52 -5.46 25.03 11.44
C LYS B 52 -4.81 25.07 10.08
N ILE B 53 -3.85 25.98 9.90
CA ILE B 53 -3.18 26.16 8.62
C ILE B 53 -1.68 26.14 8.80
N SER B 54 -0.98 25.43 7.91
CA SER B 54 0.46 25.57 7.75
C SER B 54 0.67 25.84 6.26
N ALA B 55 0.98 27.09 5.94
CA ALA B 55 1.09 27.54 4.53
C ALA B 55 2.19 28.58 4.41
N LYS B 56 2.95 28.52 3.32
CA LYS B 56 4.02 29.47 3.09
C LYS B 56 4.06 29.91 1.63
N ALA B 57 3.96 31.23 1.43
CA ALA B 57 4.12 31.82 0.10
C ALA B 57 5.37 31.34 -0.64
N GLY B 58 5.16 30.89 -1.88
CA GLY B 58 6.26 30.44 -2.73
C GLY B 58 6.71 29.01 -2.45
N ASN B 59 6.01 28.27 -1.60
CA ASN B 59 6.50 26.95 -1.23
C ASN B 59 5.49 25.84 -1.47
N SER B 60 5.92 24.61 -1.23
CA SER B 60 5.05 23.43 -1.34
C SER B 60 5.68 22.33 -0.53
N LEU B 61 4.92 21.30 -0.17
CA LEU B 61 5.46 20.17 0.55
C LEU B 61 6.64 19.53 -0.21
N PHE B 62 6.46 19.28 -1.51
CA PHE B 62 7.54 18.71 -2.34
C PHE B 62 8.80 19.60 -2.34
N LYS B 63 8.59 20.90 -2.45
CA LYS B 63 9.66 21.85 -2.50
C LYS B 63 10.44 21.89 -1.17
N SER B 64 9.75 21.97 -0.04
CA SER B 64 10.42 21.99 1.26
C SER B 64 11.09 20.66 1.57
N PHE B 65 10.56 19.58 1.02
CA PHE B 65 11.16 18.26 1.16
C PHE B 65 12.51 18.13 0.53
N HIS B 66 12.67 18.75 -0.63
CA HIS B 66 13.82 18.51 -1.51
C HIS B 66 14.83 19.66 -1.57
N PHE B 67 14.43 20.89 -1.23
CA PHE B 67 15.22 22.08 -1.55
C PHE B 67 15.61 22.90 -0.33
N THR B 68 16.60 23.79 -0.50
CA THR B 68 17.10 24.64 0.61
C THR B 68 16.12 25.75 0.95
N ASP B 69 15.27 26.13 0.00
CA ASP B 69 14.18 27.06 0.25
C ASP B 69 13.06 26.32 0.99
N PHE B 70 13.20 26.27 2.29
CA PHE B 70 12.53 25.31 3.14
C PHE B 70 11.52 25.98 4.06
N TYR B 71 10.33 25.41 4.16
CA TYR B 71 9.38 25.80 5.18
C TYR B 71 9.02 24.57 5.98
N ASN B 72 8.99 24.71 7.29
CA ASN B 72 8.65 23.58 8.15
C ASN B 72 7.17 23.34 8.27
N TYR B 73 6.60 22.80 7.21
CA TYR B 73 5.21 22.40 7.22
C TYR B 73 4.98 21.46 8.40
N THR B 74 4.04 21.83 9.25
CA THR B 74 3.76 21.07 10.47
C THR B 74 2.28 21.20 10.76
N GLY B 75 1.63 20.10 11.09
CA GLY B 75 0.21 20.18 11.39
C GLY B 75 -0.39 18.85 11.78
N GLU B 76 -1.49 18.92 12.53
CA GLU B 76 -2.14 17.73 13.03
C GLU B 76 -3.65 17.83 12.93
N GLY B 77 -4.28 16.83 12.33
CA GLY B 77 -5.74 16.75 12.35
C GLY B 77 -6.27 15.38 11.94
N SER B 78 -7.54 15.16 12.15
CA SER B 78 -8.27 14.01 11.62
C SER B 78 -8.41 14.11 10.08
N GLN B 79 -9.03 15.19 9.62
CA GLN B 79 -9.26 15.45 8.20
C GLN B 79 -8.22 16.41 7.63
N ILE B 80 -7.40 15.91 6.71
CA ILE B 80 -6.29 16.67 6.19
C ILE B 80 -6.63 17.15 4.81
N ILE B 81 -6.30 18.41 4.55
CA ILE B 81 -6.58 19.06 3.28
C ILE B 81 -5.28 19.69 2.76
N PHE B 82 -5.05 19.54 1.46
CA PHE B 82 -3.88 20.10 0.80
C PHE B 82 -4.36 21.02 -0.32
N TYR B 83 -3.78 22.22 -0.34
CA TYR B 83 -3.95 23.14 -1.45
C TYR B 83 -2.61 23.75 -1.75
N GLU B 84 -1.77 22.94 -2.36
CA GLU B 84 -0.40 23.31 -2.67
C GLU B 84 0.14 22.37 -3.73
N GLY B 85 1.25 22.80 -4.34
CA GLY B 85 1.89 22.04 -5.39
C GLY B 85 2.41 22.90 -6.53
N VAL B 86 1.72 24.00 -6.78
CA VAL B 86 2.01 24.90 -7.91
C VAL B 86 3.43 25.45 -7.90
N ASN B 87 4.01 25.63 -6.72
CA ASN B 87 5.35 26.15 -6.67
C ASN B 87 6.44 25.14 -7.05
N PHE B 88 6.05 23.97 -7.59
CA PHE B 88 6.97 23.10 -8.33
C PHE B 88 6.21 22.50 -9.50
N THR B 89 6.37 23.12 -10.67
CA THR B 89 5.60 22.83 -11.86
C THR B 89 6.55 22.93 -13.04
N PRO B 90 6.09 22.52 -14.26
CA PRO B 90 6.94 22.70 -15.45
C PRO B 90 7.36 24.14 -15.69
N TYR B 91 6.51 25.11 -15.31
CA TYR B 91 6.92 26.53 -15.30
C TYR B 91 8.23 26.77 -14.54
N VAL B 92 8.36 26.19 -13.36
CA VAL B 92 9.57 26.39 -12.56
C VAL B 92 10.73 25.80 -13.32
N GLY B 93 10.46 24.72 -14.07
CA GLY B 93 11.43 24.20 -15.04
C GLY B 93 12.63 23.49 -14.46
N PHE B 94 12.53 22.98 -13.24
CA PHE B 94 13.70 22.41 -12.57
C PHE B 94 14.27 21.17 -13.25
N LYS B 95 15.60 21.11 -13.26
CA LYS B 95 16.32 19.90 -13.63
C LYS B 95 17.70 19.99 -12.99
N CYS B 96 18.32 18.86 -12.71
CA CYS B 96 19.56 18.86 -11.94
C CYS B 96 20.72 19.45 -12.71
N LEU B 97 20.69 19.27 -14.02
CA LEU B 97 21.80 19.62 -14.89
C LEU B 97 21.25 20.29 -16.15
N ASN B 98 22.14 20.89 -16.94
CA ASN B 98 21.76 21.43 -18.25
C ASN B 98 21.05 20.38 -19.09
N ASN B 99 21.66 19.20 -19.16
CA ASN B 99 21.19 18.10 -19.97
C ASN B 99 20.05 17.34 -19.31
N GLY B 100 19.46 17.92 -18.27
CA GLY B 100 18.50 17.23 -17.44
C GLY B 100 17.14 17.21 -18.07
N ASP B 101 16.12 16.93 -17.27
CA ASP B 101 14.79 16.71 -17.82
C ASP B 101 13.74 17.00 -16.78
N ASN B 102 12.93 18.01 -17.04
CA ASN B 102 11.91 18.38 -16.08
C ASN B 102 10.87 17.29 -15.90
N ASN B 103 10.63 16.52 -16.94
CA ASN B 103 9.66 15.44 -16.88
C ASN B 103 10.02 14.39 -15.82
N ARG B 104 11.30 14.13 -15.62
CA ARG B 104 11.73 13.26 -14.55
C ARG B 104 11.25 13.80 -13.22
N TRP B 105 11.32 15.11 -13.05
CA TRP B 105 10.95 15.78 -11.80
C TRP B 105 9.46 15.85 -11.60
N MET B 106 8.71 15.83 -12.70
CA MET B 106 7.29 15.63 -12.62
C MET B 106 6.95 14.21 -12.13
N GLY B 107 7.67 13.20 -12.62
CA GLY B 107 7.50 11.85 -12.10
C GLY B 107 7.81 11.80 -10.60
N ASN B 108 8.85 12.51 -10.18
CA ASN B 108 9.23 12.53 -8.79
C ASN B 108 8.12 13.14 -7.94
N LYS B 109 7.58 14.23 -8.44
CA LYS B 109 6.48 14.93 -7.78
C LYS B 109 5.26 14.01 -7.62
N ALA B 110 4.89 13.29 -8.69
CA ALA B 110 3.78 12.37 -8.60
C ALA B 110 4.01 11.30 -7.52
N ARG B 111 5.21 10.73 -7.50
CA ARG B 111 5.55 9.66 -6.56
C ARG B 111 5.57 10.15 -5.12
N PHE B 112 6.06 11.36 -4.90
CA PHE B 112 6.13 11.91 -3.57
C PHE B 112 4.71 12.11 -3.01
N TYR B 113 3.88 12.76 -3.80
CA TYR B 113 2.54 13.05 -3.32
C TYR B 113 1.68 11.78 -3.20
N THR B 114 1.91 10.78 -4.02
CA THR B 114 1.24 9.49 -3.86
C THR B 114 1.46 8.92 -2.43
N GLN B 115 2.72 8.94 -2.00
CA GLN B 115 3.08 8.42 -0.73
C GLN B 115 2.51 9.32 0.38
N LEU B 116 2.61 10.62 0.21
CA LEU B 116 2.14 11.52 1.21
C LEU B 116 0.65 11.43 1.43
N TYR B 117 -0.10 11.52 0.35
CA TYR B 117 -1.56 11.46 0.48
C TYR B 117 -2.01 10.13 1.10
N GLN B 118 -1.43 9.03 0.66
CA GLN B 118 -1.79 7.68 1.18
C GLN B 118 -1.54 7.64 2.68
N LYS B 119 -0.38 8.13 3.11
CA LYS B 119 -0.03 8.03 4.51
C LYS B 119 -0.85 8.97 5.37
N MET B 120 -1.16 10.15 4.85
CA MET B 120 -1.99 11.08 5.64
C MET B 120 -3.47 10.67 5.77
N ALA B 121 -3.86 9.55 5.15
CA ALA B 121 -5.15 8.97 5.47
C ALA B 121 -5.09 8.08 6.71
N HIS B 122 -3.88 7.84 7.23
CA HIS B 122 -3.62 6.93 8.35
C HIS B 122 -2.90 7.53 9.56
N TYR B 123 -2.47 8.79 9.44
CA TYR B 123 -1.77 9.50 10.52
C TYR B 123 -2.34 10.87 10.69
N ARG B 124 -2.39 11.37 11.93
CA ARG B 124 -2.93 12.68 12.18
C ARG B 124 -1.93 13.79 11.91
N SER B 125 -0.65 13.49 12.06
CA SER B 125 0.36 14.50 12.24
C SER B 125 1.46 14.37 11.22
N LEU B 126 1.81 15.52 10.64
CA LEU B 126 2.86 15.63 9.64
C LEU B 126 3.81 16.73 10.11
N SER B 127 5.10 16.48 9.98
CA SER B 127 6.08 17.53 10.02
C SER B 127 7.28 17.11 9.17
N VAL B 128 8.27 17.98 9.10
CA VAL B 128 9.45 17.72 8.33
C VAL B 128 10.61 17.77 9.31
N ILE B 129 11.40 16.69 9.35
CA ILE B 129 12.57 16.60 10.24
C ILE B 129 13.86 16.46 9.47
N ASN B 130 14.95 16.99 10.02
CA ASN B 130 16.27 16.79 9.48
C ASN B 130 16.78 15.40 9.82
N ILE B 131 17.49 14.81 8.87
CA ILE B 131 18.21 13.55 9.10
C ILE B 131 19.70 13.81 9.08
N THR B 132 20.40 13.40 10.14
CA THR B 132 21.86 13.49 10.19
C THR B 132 22.49 12.12 9.91
N TYR B 133 23.77 12.13 9.56
CA TYR B 133 24.44 10.89 9.25
C TYR B 133 25.82 10.90 9.82
N THR B 134 26.37 9.71 10.00
CA THR B 134 27.79 9.54 10.31
C THR B 134 28.45 8.91 9.10
N TYR B 135 29.71 9.24 8.93
CA TYR B 135 30.44 8.91 7.71
C TYR B 135 31.92 8.93 8.02
N ASN B 136 32.60 7.82 7.76
CA ASN B 136 34.01 7.66 8.11
C ASN B 136 34.90 7.97 6.88
N GLY B 137 34.75 9.16 6.34
CA GLY B 137 35.62 9.65 5.26
C GLY B 137 35.84 11.14 5.44
N SER B 138 36.66 11.74 4.57
CA SER B 138 36.86 13.20 4.59
C SER B 138 35.94 13.92 3.58
N ALA B 139 35.34 13.14 2.68
CA ALA B 139 34.46 13.67 1.64
C ALA B 139 33.27 14.36 2.29
N GLY B 140 32.83 15.45 1.71
CA GLY B 140 31.74 16.23 2.27
C GLY B 140 30.59 16.35 1.31
N PRO B 141 29.51 16.98 1.75
CA PRO B 141 28.34 17.19 0.91
C PRO B 141 28.64 18.15 -0.25
N VAL B 142 28.08 17.87 -1.41
CA VAL B 142 28.20 18.76 -2.57
C VAL B 142 26.81 18.96 -3.16
N SER B 143 26.56 20.16 -3.65
CA SER B 143 25.32 20.49 -4.32
C SER B 143 25.45 20.15 -5.78
N MET B 144 25.07 18.95 -6.18
CA MET B 144 25.21 18.63 -7.59
C MET B 144 23.89 18.64 -8.34
N CYS B 145 22.83 19.08 -7.68
CA CYS B 145 21.56 19.27 -8.35
C CYS B 145 21.02 20.69 -8.04
N LYS B 146 21.11 21.56 -9.04
CA LYS B 146 20.65 22.94 -8.92
C LYS B 146 20.35 23.58 -10.27
N HIS B 147 19.51 24.62 -10.25
CA HIS B 147 18.96 25.18 -11.47
C HIS B 147 18.51 26.63 -11.28
N ILE B 148 18.74 27.45 -12.29
CA ILE B 148 18.30 28.83 -12.28
C ILE B 148 17.19 28.98 -13.33
N ALA B 149 16.06 29.52 -12.91
CA ALA B 149 14.99 29.83 -13.85
C ALA B 149 14.10 30.90 -13.24
N ASN B 150 13.60 31.80 -14.09
CA ASN B 150 12.69 32.86 -13.66
C ASN B 150 13.33 33.73 -12.58
N GLY B 151 14.63 34.02 -12.76
CA GLY B 151 15.44 34.69 -11.74
C GLY B 151 15.96 33.72 -10.69
N VAL B 152 15.03 33.11 -9.96
CA VAL B 152 15.33 32.26 -8.79
C VAL B 152 16.28 31.07 -9.09
N THR B 153 17.25 30.87 -8.22
CA THR B 153 18.05 29.66 -8.22
C THR B 153 17.55 28.63 -7.14
N LEU B 154 17.25 27.40 -7.58
CA LEU B 154 16.78 26.30 -6.70
C LEU B 154 17.91 25.30 -6.46
N THR B 155 18.14 24.97 -5.20
CA THR B 155 19.24 24.09 -4.80
C THR B 155 18.65 22.92 -4.03
N LEU B 156 18.79 21.75 -4.63
CA LEU B 156 18.38 20.53 -4.01
C LEU B 156 19.29 20.24 -2.86
N ASN B 157 18.72 19.86 -1.70
CA ASN B 157 19.54 19.46 -0.57
C ASN B 157 19.05 18.18 0.09
N ASN B 158 18.11 17.51 -0.57
CA ASN B 158 17.64 16.19 -0.15
C ASN B 158 17.39 15.31 -1.38
N PRO B 159 18.13 14.21 -1.50
CA PRO B 159 19.18 13.72 -0.58
C PRO B 159 20.43 14.53 -0.66
N THR B 160 21.32 14.27 0.30
CA THR B 160 22.67 14.81 0.30
C THR B 160 23.52 13.99 -0.64
N PHE B 161 24.35 14.67 -1.43
CA PHE B 161 25.35 13.99 -2.24
C PHE B 161 26.71 14.17 -1.57
N ILE B 162 27.43 13.08 -1.38
CA ILE B 162 28.76 13.10 -0.79
C ILE B 162 29.77 13.00 -1.91
N GLY B 163 30.53 14.08 -2.11
CA GLY B 163 31.45 14.19 -3.22
C GLY B 163 32.66 13.31 -2.96
N LYS B 164 33.54 13.13 -3.94
CA LYS B 164 34.55 12.06 -3.91
C LYS B 164 35.96 12.58 -3.64
N TYR B 173 37.60 7.07 -0.80
CA TYR B 173 36.16 7.35 -0.85
C TYR B 173 35.33 6.24 -0.21
N GLU B 174 34.78 6.51 0.98
CA GLU B 174 33.90 5.55 1.64
C GLU B 174 32.52 5.64 0.94
N SER B 175 31.95 4.49 0.57
CA SER B 175 30.65 4.52 -0.10
C SER B 175 29.53 3.97 0.79
N GLU B 176 29.64 4.26 2.09
CA GLU B 176 28.49 4.12 2.97
C GLU B 176 28.43 5.10 4.09
N ALA B 177 27.22 5.29 4.61
CA ALA B 177 26.96 6.23 5.70
C ALA B 177 25.82 5.71 6.53
N ASN B 178 25.89 5.92 7.82
CA ASN B 178 24.82 5.48 8.72
C ASN B 178 23.90 6.64 9.03
N PHE B 179 22.60 6.38 9.06
CA PHE B 179 21.64 7.33 9.62
C PHE B 179 20.60 6.63 10.48
N THR B 180 20.08 7.36 11.44
CA THR B 180 19.05 6.88 12.33
C THR B 180 17.74 7.63 12.04
N LEU B 181 16.65 6.88 11.96
CA LEU B 181 15.31 7.47 11.94
C LEU B 181 14.66 7.22 13.32
N GLN B 182 14.36 8.28 14.04
CA GLN B 182 13.70 8.18 15.34
C GLN B 182 12.73 9.35 15.55
N GLY B 183 11.80 9.17 16.47
CA GLY B 183 10.86 10.22 16.83
C GLY B 183 9.58 10.26 16.01
N CYS B 184 9.38 9.32 15.08
CA CYS B 184 8.13 9.26 14.27
C CYS B 184 7.66 7.82 14.14
N ASP B 185 6.39 7.59 13.83
CA ASP B 185 5.91 6.24 13.53
C ASP B 185 6.42 5.75 12.18
N GLU B 186 6.33 6.62 11.17
CA GLU B 186 6.89 6.36 9.85
C GLU B 186 7.55 7.62 9.30
N PHE B 187 8.45 7.39 8.36
CA PHE B 187 9.27 8.42 7.75
C PHE B 187 9.22 8.29 6.26
N ILE B 188 8.87 9.37 5.56
CA ILE B 188 9.00 9.36 4.08
C ILE B 188 10.36 9.92 3.72
N VAL B 189 11.17 9.10 3.08
CA VAL B 189 12.49 9.54 2.61
C VAL B 189 12.69 9.22 1.13
N PRO B 190 13.53 10.01 0.43
CA PRO B 190 13.78 9.77 -0.98
C PRO B 190 14.93 8.80 -1.19
N LEU B 191 14.77 7.85 -2.11
CA LEU B 191 15.86 6.99 -2.57
C LEU B 191 16.04 7.27 -4.03
N CYS B 192 17.17 7.86 -4.40
CA CYS B 192 17.34 8.41 -5.78
C CYS B 192 18.64 7.96 -6.43
N VAL B 193 18.61 7.86 -7.75
CA VAL B 193 19.83 7.68 -8.54
C VAL B 193 19.76 8.60 -9.75
N PHE B 194 20.91 9.02 -10.22
CA PHE B 194 21.00 9.60 -11.56
C PHE B 194 20.81 8.51 -12.60
N ASN B 195 20.05 8.82 -13.64
CA ASN B 195 19.72 7.92 -14.74
C ASN B 195 19.72 8.67 -16.06
N GLY B 196 20.36 8.12 -17.06
CA GLY B 196 20.35 8.70 -18.40
C GLY B 196 21.72 8.75 -19.01
N GLN B 197 21.79 9.24 -20.24
CA GLN B 197 23.06 9.27 -20.93
C GLN B 197 23.61 10.70 -20.91
N TYR B 198 24.93 10.81 -20.81
CA TYR B 198 25.62 12.09 -21.01
C TYR B 198 25.39 12.53 -22.45
N LEU B 199 25.18 13.82 -22.64
CA LEU B 199 24.87 14.34 -23.96
C LEU B 199 26.02 14.11 -24.95
N SER B 200 27.21 14.58 -24.57
CA SER B 200 28.33 14.60 -25.51
C SER B 200 28.90 13.20 -25.77
N SER B 201 28.76 12.29 -24.80
CA SER B 201 29.35 10.96 -24.91
C SER B 201 28.29 9.92 -25.28
N LYS B 202 27.06 10.11 -24.78
CA LYS B 202 25.96 9.16 -24.96
C LYS B 202 26.17 7.84 -24.23
N LEU B 203 27.04 7.88 -23.22
CA LEU B 203 27.22 6.75 -22.30
C LEU B 203 26.36 6.95 -21.09
N TYR B 204 25.75 5.86 -20.65
CA TYR B 204 24.79 5.96 -19.59
C TYR B 204 25.53 6.12 -18.27
N TYR B 205 25.02 7.02 -17.46
CA TYR B 205 25.60 7.25 -16.15
C TYR B 205 25.37 6.06 -15.22
N ASP B 206 26.41 5.72 -14.46
CA ASP B 206 26.39 4.58 -13.56
C ASP B 206 26.18 5.02 -12.10
N ASP B 207 25.04 4.64 -11.52
CA ASP B 207 24.74 5.01 -10.12
C ASP B 207 24.10 3.83 -9.42
N SER B 208 24.19 3.83 -8.10
CA SER B 208 23.60 2.77 -7.30
C SER B 208 23.29 3.37 -5.95
N GLN B 209 22.16 3.00 -5.36
CA GLN B 209 21.88 3.46 -4.00
C GLN B 209 20.98 2.47 -3.25
N TYR B 210 21.48 1.97 -2.13
CA TYR B 210 20.74 1.04 -1.25
C TYR B 210 20.52 1.69 0.12
N TYR B 211 19.34 1.47 0.71
CA TYR B 211 19.12 1.78 2.13
C TYR B 211 18.79 0.45 2.82
N TYR B 212 19.62 0.11 3.80
CA TYR B 212 19.54 -1.14 4.52
C TYR B 212 19.15 -0.89 5.97
N ASN B 213 18.11 -1.58 6.43
CA ASN B 213 17.69 -1.52 7.81
C ASN B 213 18.46 -2.58 8.58
N VAL B 214 19.37 -2.11 9.44
CA VAL B 214 20.28 -2.99 10.19
C VAL B 214 19.49 -3.88 11.16
N ASP B 215 18.43 -3.36 11.74
CA ASP B 215 17.66 -4.09 12.74
C ASP B 215 16.80 -5.19 12.10
N THR B 216 16.18 -4.91 10.96
CA THR B 216 15.25 -5.87 10.34
C THR B 216 15.86 -6.71 9.21
N GLY B 217 16.98 -6.28 8.65
CA GLY B 217 17.59 -6.97 7.51
C GLY B 217 16.96 -6.63 6.16
N VAL B 218 16.00 -5.71 6.17
CA VAL B 218 15.30 -5.33 4.93
C VAL B 218 16.12 -4.30 4.16
N LEU B 219 16.26 -4.56 2.85
CA LEU B 219 17.03 -3.74 1.92
C LEU B 219 16.14 -3.17 0.81
N TYR B 220 16.19 -1.85 0.63
CA TYR B 220 15.59 -1.19 -0.55
C TYR B 220 16.73 -0.65 -1.42
N GLY B 221 16.75 -1.02 -2.70
CA GLY B 221 17.76 -0.48 -3.59
C GLY B 221 17.27 0.01 -4.95
N PHE B 222 18.14 0.79 -5.59
CA PHE B 222 17.82 1.41 -6.88
C PHE B 222 19.12 1.62 -7.63
N ASN B 223 19.25 0.95 -8.77
CA ASN B 223 20.40 1.11 -9.63
C ASN B 223 20.00 1.78 -10.93
N SER B 224 20.94 2.51 -11.54
CA SER B 224 20.68 3.11 -12.83
C SER B 224 20.64 2.02 -13.86
N THR B 225 19.92 2.27 -14.94
CA THR B 225 19.82 1.32 -16.05
C THR B 225 20.14 2.02 -17.34
N LEU B 226 20.18 1.24 -18.42
CA LEU B 226 20.47 1.74 -19.76
C LEU B 226 19.20 2.08 -20.55
N ASN B 227 18.05 2.17 -19.86
CA ASN B 227 16.77 2.46 -20.53
C ASN B 227 16.79 3.82 -21.21
N ILE B 228 16.32 3.86 -22.46
CA ILE B 228 16.25 5.11 -23.21
C ILE B 228 15.33 6.04 -22.43
N THR B 229 15.91 7.10 -21.89
CA THR B 229 15.15 8.16 -21.24
C THR B 229 15.88 9.46 -21.51
N SER B 230 16.26 9.69 -22.77
CA SER B 230 17.33 10.68 -23.04
C SER B 230 17.14 11.94 -22.17
N GLY B 231 18.28 12.42 -21.67
CA GLY B 231 18.34 13.39 -20.60
C GLY B 231 18.88 12.65 -19.39
N LEU B 232 19.80 13.28 -18.66
CA LEU B 232 20.39 12.71 -17.47
C LEU B 232 19.85 13.50 -16.32
N ASP B 233 19.19 12.83 -15.38
CA ASP B 233 18.64 13.55 -14.23
C ASP B 233 18.37 12.59 -13.07
N LEU B 234 17.91 13.14 -11.96
CA LEU B 234 17.72 12.38 -10.73
C LEU B 234 16.31 11.76 -10.66
N THR B 235 16.25 10.43 -10.62
CA THR B 235 15.00 9.70 -10.44
C THR B 235 14.90 9.29 -8.98
N CYS B 236 13.81 9.69 -8.32
CA CYS B 236 13.63 9.35 -6.92
C CYS B 236 12.43 8.45 -6.72
N ILE B 237 12.58 7.46 -5.83
CA ILE B 237 11.40 6.78 -5.30
C ILE B 237 11.27 7.15 -3.82
N TYR B 238 10.06 7.07 -3.28
CA TYR B 238 9.80 7.61 -1.93
C TYR B 238 9.35 6.49 -1.05
N LEU B 239 10.20 6.18 -0.08
CA LEU B 239 9.96 5.03 0.78
C LEU B 239 9.30 5.53 2.04
N ALA B 240 8.40 4.71 2.58
CA ALA B 240 7.87 4.92 3.93
C ALA B 240 8.63 3.96 4.84
N LEU B 241 9.53 4.46 5.66
CA LEU B 241 10.33 3.61 6.54
C LEU B 241 9.92 3.71 7.98
N THR B 242 10.34 2.72 8.77
CA THR B 242 10.05 2.63 10.20
C THR B 242 11.27 3.11 11.01
N PRO B 243 11.05 3.46 12.31
CA PRO B 243 12.17 3.91 13.13
C PRO B 243 13.22 2.84 13.18
N GLY B 244 14.47 3.24 13.05
CA GLY B 244 15.56 2.28 13.20
C GLY B 244 16.89 2.84 12.73
N ASN B 245 17.87 1.97 12.73
CA ASN B 245 19.20 2.28 12.23
C ASN B 245 19.37 1.76 10.83
N TYR B 246 19.77 2.67 9.95
CA TYR B 246 19.95 2.37 8.54
C TYR B 246 21.39 2.62 8.09
N ILE B 247 21.79 1.90 7.05
CA ILE B 247 23.01 2.21 6.33
C ILE B 247 22.64 2.56 4.90
N SER B 248 23.20 3.68 4.41
CA SER B 248 23.09 4.08 3.02
C SER B 248 24.33 3.59 2.28
N ILE B 249 24.15 2.86 1.20
CA ILE B 249 25.26 2.17 0.53
C ILE B 249 25.21 2.40 -0.97
N SER B 250 26.32 2.86 -1.53
CA SER B 250 26.32 3.20 -2.97
C SER B 250 27.22 2.31 -3.81
N ASN B 251 27.79 1.27 -3.21
CA ASN B 251 28.56 0.26 -3.94
C ASN B 251 29.65 0.85 -4.79
N GLU B 252 30.41 1.75 -4.17
CA GLU B 252 31.55 2.43 -4.78
C GLU B 252 31.18 3.49 -5.83
N LEU B 253 29.90 3.80 -5.97
CA LEU B 253 29.46 4.88 -6.87
C LEU B 253 29.02 6.06 -6.00
N LEU B 254 28.38 7.06 -6.59
CA LEU B 254 28.04 8.28 -5.85
C LEU B 254 27.17 8.01 -4.63
N LEU B 255 27.62 8.44 -3.45
CA LEU B 255 26.88 8.18 -2.24
C LEU B 255 25.86 9.28 -1.99
N THR B 256 24.59 8.89 -1.83
CA THR B 256 23.55 9.80 -1.36
C THR B 256 22.95 9.31 -0.05
N VAL B 257 22.46 10.25 0.74
CA VAL B 257 21.86 9.92 2.02
C VAL B 257 20.75 10.95 2.28
N PRO B 258 19.62 10.52 2.85
CA PRO B 258 18.56 11.49 3.11
C PRO B 258 18.99 12.59 4.08
N SER B 259 18.52 13.82 3.85
CA SER B 259 18.79 14.95 4.78
C SER B 259 17.51 15.42 5.46
N LYS B 260 16.37 15.03 4.89
CA LYS B 260 15.06 15.38 5.43
C LYS B 260 14.08 14.22 5.22
N ALA B 261 13.10 14.15 6.12
CA ALA B 261 12.05 13.15 6.05
C ALA B 261 10.73 13.82 6.44
N ILE B 262 9.63 13.32 5.89
CA ILE B 262 8.31 13.64 6.41
C ILE B 262 8.08 12.70 7.60
N CYS B 263 7.85 13.31 8.75
CA CYS B 263 7.65 12.64 10.02
C CYS B 263 6.16 12.39 10.19
N LEU B 264 5.75 11.13 10.18
CA LEU B 264 4.35 10.75 10.31
C LEU B 264 4.11 10.25 11.73
N ARG B 265 3.16 10.86 12.45
CA ARG B 265 2.83 10.43 13.81
C ARG B 265 1.32 10.38 14.09
N LYS B 266 0.99 9.69 15.18
CA LYS B 266 -0.35 9.60 15.71
C LYS B 266 -1.30 8.90 14.73
N PRO B 267 -1.28 7.57 14.76
CA PRO B 267 -2.19 6.76 13.95
C PRO B 267 -3.64 7.07 14.20
N LYS B 268 -4.43 6.95 13.15
CA LYS B 268 -5.87 7.20 13.21
C LYS B 268 -6.54 6.16 12.33
N ALA B 269 -7.81 5.91 12.61
CA ALA B 269 -8.61 5.13 11.69
C ALA B 269 -8.61 5.84 10.32
N PHE B 270 -8.59 5.04 9.26
CA PHE B 270 -8.58 5.53 7.90
C PHE B 270 -9.50 6.73 7.70
N THR B 271 -8.96 7.84 7.25
CA THR B 271 -9.69 9.07 7.01
C THR B 271 -9.18 9.71 5.73
N PRO B 272 -9.98 9.70 4.65
CA PRO B 272 -9.47 10.21 3.39
C PRO B 272 -9.01 11.65 3.48
N VAL B 273 -7.98 11.96 2.73
CA VAL B 273 -7.51 13.32 2.56
C VAL B 273 -8.23 14.02 1.42
N GLN B 274 -8.20 15.36 1.45
CA GLN B 274 -8.79 16.17 0.38
C GLN B 274 -7.72 17.00 -0.25
N VAL B 275 -7.70 17.01 -1.58
CA VAL B 275 -6.67 17.72 -2.31
C VAL B 275 -7.34 18.67 -3.29
N VAL B 276 -6.93 19.94 -3.25
CA VAL B 276 -7.39 20.92 -4.25
C VAL B 276 -6.33 21.11 -5.34
N ASP B 277 -6.74 21.03 -6.59
CA ASP B 277 -5.83 21.23 -7.74
C ASP B 277 -5.08 22.54 -7.55
N SER B 278 -3.76 22.48 -7.62
CA SER B 278 -2.91 23.67 -7.40
C SER B 278 -2.19 24.01 -8.72
N ARG B 279 -2.68 25.04 -9.40
CA ARG B 279 -2.17 25.39 -10.73
C ARG B 279 -2.10 26.90 -10.92
N TRP B 280 -1.29 27.29 -11.91
CA TRP B 280 -1.14 28.68 -12.32
C TRP B 280 -2.26 29.07 -13.29
N HIS B 281 -2.45 30.37 -13.46
CA HIS B 281 -3.19 30.88 -14.63
C HIS B 281 -2.51 30.34 -15.87
N SER B 282 -3.28 30.10 -16.92
CA SER B 282 -2.82 29.31 -18.08
C SER B 282 -1.67 29.88 -18.91
N ASN B 283 -1.27 31.13 -18.65
CA ASN B 283 -0.04 31.64 -19.25
C ASN B 283 1.21 30.94 -18.69
N ARG B 284 1.11 30.25 -17.57
CA ARG B 284 2.19 29.38 -17.09
C ARG B 284 1.80 27.92 -17.13
N GLN B 285 2.77 27.08 -17.44
CA GLN B 285 2.51 25.65 -17.53
C GLN B 285 2.44 24.97 -16.15
N SER B 286 1.31 24.30 -15.92
CA SER B 286 1.05 23.55 -14.72
C SER B 286 1.14 22.06 -15.09
N ASP B 287 0.82 21.20 -14.15
CA ASP B 287 0.87 19.76 -14.34
C ASP B 287 -0.28 19.11 -13.54
N ASN B 288 -0.56 17.85 -13.82
CA ASN B 288 -1.58 17.11 -13.08
C ASN B 288 -1.00 16.01 -12.18
N MET B 289 0.23 16.22 -11.68
CA MET B 289 0.88 15.20 -10.90
C MET B 289 0.10 14.93 -9.60
N THR B 290 -0.43 15.96 -8.95
CA THR B 290 -1.15 15.74 -7.68
C THR B 290 -2.46 15.00 -7.93
N ALA B 291 -3.03 15.15 -9.13
CA ALA B 291 -4.23 14.38 -9.50
C ALA B 291 -3.89 12.92 -9.75
N ILE B 292 -2.71 12.64 -10.27
CA ILE B 292 -2.27 11.25 -10.42
C ILE B 292 -2.12 10.64 -9.02
N ALA B 293 -1.56 11.43 -8.11
CA ALA B 293 -1.32 10.99 -6.74
C ALA B 293 -2.61 10.79 -5.93
N CYS B 294 -3.65 11.55 -6.25
CA CYS B 294 -4.83 11.59 -5.42
C CYS B 294 -5.84 10.58 -5.95
N GLN B 295 -5.85 9.38 -5.38
CA GLN B 295 -6.73 8.32 -5.84
C GLN B 295 -7.66 7.82 -4.72
N LEU B 296 -8.77 7.24 -5.13
CA LEU B 296 -9.71 6.60 -4.23
C LEU B 296 -9.09 5.33 -3.71
N PRO B 297 -9.39 4.96 -2.47
CA PRO B 297 -10.32 5.55 -1.52
C PRO B 297 -9.65 6.57 -0.56
N TYR B 298 -8.34 6.74 -0.68
CA TYR B 298 -7.60 7.54 0.28
C TYR B 298 -7.61 9.03 0.02
N CYS B 299 -8.10 9.47 -1.14
CA CYS B 299 -8.01 10.89 -1.47
C CYS B 299 -9.14 11.35 -2.37
N TYR B 300 -9.71 12.52 -2.06
CA TYR B 300 -10.70 13.18 -2.86
C TYR B 300 -10.05 14.37 -3.50
N PHE B 301 -10.23 14.50 -4.81
CA PHE B 301 -9.63 15.59 -5.57
C PHE B 301 -10.66 16.65 -5.94
N ARG B 302 -10.33 17.91 -5.74
CA ARG B 302 -11.26 18.98 -6.09
C ARG B 302 -10.63 19.96 -7.06
N ASN B 303 -11.43 20.36 -8.06
CA ASN B 303 -10.97 21.28 -9.11
C ASN B 303 -12.13 22.12 -9.63
N THR B 304 -11.83 23.32 -10.12
CA THR B 304 -12.86 24.14 -10.80
C THR B 304 -13.00 23.66 -12.25
N THR B 305 -13.89 24.26 -13.02
CA THR B 305 -14.02 23.95 -14.46
C THR B 305 -13.46 25.08 -15.34
N SER B 306 -12.63 25.95 -14.79
CA SER B 306 -12.19 27.12 -15.51
C SER B 306 -10.70 27.42 -15.25
N ASP B 307 -10.14 28.33 -16.05
CA ASP B 307 -8.79 28.81 -15.84
C ASP B 307 -8.67 29.45 -14.45
N TYR B 308 -7.46 29.49 -13.91
CA TYR B 308 -7.18 30.22 -12.68
C TYR B 308 -7.04 31.69 -13.05
N ASN B 309 -8.04 32.51 -12.69
CA ASN B 309 -8.07 33.92 -13.06
C ASN B 309 -8.04 34.79 -11.80
N GLY B 310 -6.84 35.04 -11.32
CA GLY B 310 -6.63 35.75 -10.07
C GLY B 310 -7.06 37.19 -10.15
N VAL B 311 -7.58 37.70 -9.04
CA VAL B 311 -8.02 39.09 -8.94
C VAL B 311 -6.88 39.97 -8.42
N TYR B 312 -6.01 39.41 -7.57
CA TYR B 312 -4.89 40.16 -7.02
C TYR B 312 -3.82 40.34 -8.08
N ASP B 313 -3.37 39.24 -8.64
CA ASP B 313 -2.64 39.21 -9.90
C ASP B 313 -3.16 37.96 -10.57
N SER B 314 -2.62 37.61 -11.72
CA SER B 314 -3.18 36.50 -12.50
C SER B 314 -3.28 35.23 -11.70
N HIS B 315 -2.31 35.03 -10.81
CA HIS B 315 -2.14 33.77 -10.11
C HIS B 315 -2.64 33.74 -8.68
N HIS B 316 -3.35 34.78 -8.24
CA HIS B 316 -3.78 34.88 -6.84
C HIS B 316 -5.15 35.50 -6.69
N GLY B 317 -6.07 34.73 -6.09
CA GLY B 317 -7.41 35.24 -5.77
C GLY B 317 -8.44 34.92 -6.85
N ASP B 318 -8.64 33.62 -7.10
CA ASP B 318 -9.58 33.13 -8.11
C ASP B 318 -10.94 32.83 -7.49
N ALA B 319 -12.01 33.28 -8.14
CA ALA B 319 -13.37 33.04 -7.64
C ALA B 319 -13.74 31.56 -7.53
N GLY B 320 -13.37 30.75 -8.53
CA GLY B 320 -13.67 29.30 -8.48
C GLY B 320 -12.97 28.60 -7.33
N PHE B 321 -11.67 28.83 -7.18
CA PHE B 321 -10.94 28.19 -6.10
C PHE B 321 -11.36 28.75 -4.76
N THR B 322 -11.73 30.03 -4.70
CA THR B 322 -12.21 30.60 -3.44
C THR B 322 -13.49 29.91 -3.03
N SER B 323 -14.34 29.63 -4.02
CA SER B 323 -15.57 28.87 -3.81
C SER B 323 -15.33 27.44 -3.29
N ILE B 324 -14.27 26.77 -3.75
CA ILE B 324 -13.95 25.42 -3.27
C ILE B 324 -13.50 25.47 -1.81
N LEU B 325 -12.61 26.41 -1.51
CA LEU B 325 -12.03 26.53 -0.19
C LEU B 325 -13.04 27.09 0.80
N ALA B 326 -14.13 27.66 0.30
CA ALA B 326 -15.18 28.23 1.19
C ALA B 326 -15.80 27.19 2.12
N GLY B 327 -15.71 25.92 1.76
CA GLY B 327 -16.22 24.85 2.60
C GLY B 327 -15.54 24.68 3.95
N LEU B 328 -14.34 25.22 4.12
CA LEU B 328 -13.65 25.17 5.40
C LEU B 328 -14.31 26.05 6.46
N MET B 329 -15.21 26.94 6.07
CA MET B 329 -15.92 27.79 7.01
C MET B 329 -17.11 27.12 7.69
N TYR B 330 -17.48 25.92 7.27
CA TYR B 330 -18.60 25.22 7.90
C TYR B 330 -18.38 23.72 7.91
N ASN B 331 -19.21 23.01 8.68
CA ASN B 331 -19.14 21.56 8.76
C ASN B 331 -20.06 20.95 7.73
N VAL B 332 -19.72 19.76 7.26
CA VAL B 332 -20.59 19.00 6.37
C VAL B 332 -20.84 17.64 7.01
N SER B 333 -21.82 16.91 6.50
CA SER B 333 -22.16 15.60 7.06
C SER B 333 -21.25 14.52 6.50
N CYS B 334 -20.83 14.67 5.25
CA CYS B 334 -20.29 13.57 4.49
C CYS B 334 -19.41 14.05 3.34
N LEU B 335 -18.24 13.44 3.18
CA LEU B 335 -17.31 13.73 2.09
C LEU B 335 -17.33 12.56 1.11
N ALA B 336 -17.28 12.84 -0.18
CA ALA B 336 -17.43 11.80 -1.18
C ALA B 336 -16.73 12.17 -2.47
N GLN B 337 -16.56 11.18 -3.35
CA GLN B 337 -15.90 11.39 -4.66
C GLN B 337 -16.42 12.61 -5.43
N GLN B 338 -17.74 12.76 -5.50
CA GLN B 338 -18.32 13.80 -6.32
C GLN B 338 -18.45 15.15 -5.60
N GLY B 339 -18.13 15.20 -4.31
CA GLY B 339 -18.27 16.43 -3.54
C GLY B 339 -18.66 16.17 -2.10
N ALA B 340 -18.94 17.24 -1.37
CA ALA B 340 -19.38 17.18 0.03
C ALA B 340 -20.89 17.32 0.14
N PHE B 341 -21.50 16.54 1.03
CA PHE B 341 -22.94 16.62 1.22
C PHE B 341 -23.11 17.28 2.56
N VAL B 342 -23.79 18.43 2.56
CA VAL B 342 -23.93 19.21 3.80
C VAL B 342 -24.76 18.44 4.84
N TYR B 343 -25.82 17.78 4.36
CA TYR B 343 -26.78 17.13 5.24
C TYR B 343 -26.65 15.62 5.18
N ASN B 344 -27.06 14.98 6.27
CA ASN B 344 -26.89 13.55 6.45
C ASN B 344 -28.13 12.70 6.09
N ASN B 345 -29.17 13.33 5.57
CA ASN B 345 -30.44 12.62 5.41
C ASN B 345 -30.74 12.16 3.99
N VAL B 346 -31.10 13.06 3.09
CA VAL B 346 -31.47 12.68 1.73
C VAL B 346 -30.74 13.54 0.72
N SER B 347 -30.58 12.99 -0.47
CA SER B 347 -29.99 13.71 -1.59
C SER B 347 -30.54 13.10 -2.86
N SER B 348 -30.32 13.78 -3.97
CA SER B 348 -30.72 13.27 -5.29
C SER B 348 -29.65 12.38 -5.94
N SER B 349 -28.44 12.36 -5.40
CA SER B 349 -27.45 11.37 -5.87
C SER B 349 -26.87 10.51 -4.73
N TRP B 350 -26.38 9.33 -5.09
CA TRP B 350 -25.80 8.39 -4.13
C TRP B 350 -24.35 8.79 -3.82
N PRO B 351 -24.01 9.04 -2.55
CA PRO B 351 -22.59 9.36 -2.28
C PRO B 351 -21.66 8.23 -2.70
N GLN B 352 -20.61 8.54 -3.46
CA GLN B 352 -19.63 7.53 -3.87
C GLN B 352 -18.43 7.56 -2.98
N TYR B 353 -17.98 6.39 -2.53
CA TYR B 353 -16.83 6.25 -1.65
C TYR B 353 -16.91 7.26 -0.51
N PRO B 354 -18.02 7.22 0.25
CA PRO B 354 -18.29 8.28 1.20
C PRO B 354 -17.53 8.14 2.50
N TYR B 355 -17.35 9.25 3.18
CA TYR B 355 -16.84 9.24 4.52
C TYR B 355 -17.70 10.18 5.33
N GLY B 356 -18.28 9.69 6.42
CA GLY B 356 -19.11 10.52 7.28
C GLY B 356 -20.45 9.87 7.55
N HIS B 357 -21.45 10.71 7.79
CA HIS B 357 -22.82 10.31 8.03
C HIS B 357 -23.58 10.69 6.76
N CYS B 358 -23.75 9.72 5.89
CA CYS B 358 -24.06 10.01 4.51
C CYS B 358 -25.53 9.82 4.14
N PRO B 359 -26.07 10.70 3.29
CA PRO B 359 -27.50 10.67 2.97
C PRO B 359 -27.81 9.55 1.98
N THR B 360 -29.07 9.16 1.95
CA THR B 360 -29.54 8.21 0.99
C THR B 360 -30.16 8.94 -0.21
N ALA B 361 -30.13 8.31 -1.37
CA ALA B 361 -30.84 8.82 -2.53
C ALA B 361 -32.07 8.00 -2.91
N ALA B 362 -32.57 7.17 -1.99
CA ALA B 362 -33.78 6.39 -2.27
C ALA B 362 -35.03 7.30 -2.26
N ASN B 363 -36.12 6.89 -2.91
CA ASN B 363 -37.42 7.59 -2.71
C ASN B 363 -37.99 7.21 -1.37
N ILE B 364 -37.99 8.14 -0.42
CA ILE B 364 -38.56 7.86 0.90
C ILE B 364 -40.08 7.76 0.78
N VAL B 365 -40.60 6.61 1.21
CA VAL B 365 -42.02 6.28 1.04
C VAL B 365 -42.86 6.94 2.14
C1 NAG C . -4.03 -21.86 -13.03
C2 NAG C . -2.88 -22.38 -13.89
C3 NAG C . -2.38 -21.27 -14.80
C4 NAG C . -3.51 -20.75 -15.67
C5 NAG C . -4.59 -20.26 -14.71
C6 NAG C . -5.79 -19.65 -15.42
C7 NAG C . -1.25 -24.01 -13.02
C8 NAG C . -0.06 -24.25 -12.13
N2 NAG C . -1.76 -22.80 -13.07
O3 NAG C . -1.24 -21.67 -15.55
O4 NAG C . -3.01 -19.66 -16.41
O5 NAG C . -5.01 -21.33 -13.88
O6 NAG C . -6.64 -20.68 -15.86
O7 NAG C . -1.67 -24.95 -13.65
C1 NAG C . -2.94 -19.95 -17.83
C2 NAG C . -3.01 -18.62 -18.56
C3 NAG C . -2.42 -18.62 -19.98
C4 NAG C . -1.10 -19.38 -20.00
C5 NAG C . -1.32 -20.78 -19.45
C6 NAG C . -0.03 -21.59 -19.41
C7 NAG C . -4.79 -16.99 -18.12
C8 NAG C . -6.25 -16.69 -18.20
N2 NAG C . -4.40 -18.19 -18.58
O3 NAG C . -2.19 -17.30 -20.40
O4 NAG C . -0.50 -19.38 -21.29
O5 NAG C . -1.77 -20.69 -18.11
O6 NAG C . 0.77 -21.17 -18.33
O7 NAG C . -4.01 -16.16 -17.67
C1 NAG D . 3.26 -26.40 -12.38
C2 NAG D . 3.05 -27.18 -13.70
C3 NAG D . 2.70 -28.65 -13.50
C4 NAG D . 3.66 -29.34 -12.55
C5 NAG D . 3.66 -28.46 -11.29
C6 NAG D . 4.42 -29.07 -10.14
C7 NAG D . 2.21 -25.74 -15.47
C8 NAG D . 1.01 -25.17 -16.17
N2 NAG D . 1.99 -26.57 -14.46
O3 NAG D . 2.70 -29.22 -14.77
O4 NAG D . 3.22 -30.65 -12.30
O5 NAG D . 4.17 -27.15 -11.57
O6 NAG D . 5.43 -28.19 -9.74
O7 NAG D . 3.33 -25.42 -15.83
C1 NAG D . 4.16 -31.72 -12.58
C2 NAG D . 3.69 -32.97 -11.86
C3 NAG D . 4.46 -34.25 -12.26
C4 NAG D . 4.57 -34.41 -13.76
C5 NAG D . 5.17 -33.11 -14.28
C6 NAG D . 5.37 -33.19 -15.79
C7 NAG D . 2.75 -32.49 -9.65
C8 NAG D . 3.05 -32.32 -8.17
N2 NAG D . 3.79 -32.79 -10.43
O3 NAG D . 3.76 -35.38 -11.79
O4 NAG D . 5.34 -35.58 -14.08
O5 NAG D . 4.33 -31.99 -13.97
O6 NAG D . 4.64 -32.15 -16.39
O7 NAG D . 1.61 -32.34 -10.08
C1 NAG E . 23.47 -9.14 2.72
C2 NAG E . 24.38 -7.91 2.79
C3 NAG E . 25.52 -8.10 1.84
C4 NAG E . 26.26 -9.41 2.02
C5 NAG E . 25.25 -10.54 1.92
C6 NAG E . 25.91 -11.90 2.18
C7 NAG E . 23.80 -5.55 2.96
C8 NAG E . 23.15 -4.37 2.30
N2 NAG E . 23.75 -6.71 2.29
O3 NAG E . 26.39 -7.04 1.92
O4 NAG E . 27.20 -9.52 0.95
O5 NAG E . 24.19 -10.36 2.84
O6 NAG E . 26.21 -11.95 3.56
O7 NAG E . 24.33 -5.41 4.06
C1 NAG E . 28.53 -9.68 1.47
C2 NAG E . 29.59 -9.55 0.39
C3 NAG E . 31.02 -9.55 0.97
C4 NAG E . 31.20 -8.83 2.31
C5 NAG E . 29.99 -9.13 3.20
C6 NAG E . 30.03 -8.51 4.60
C7 NAG E . 29.02 -10.62 -1.73
C8 NAG E . 29.07 -11.91 -2.49
N2 NAG E . 29.51 -10.67 -0.49
O3 NAG E . 31.92 -9.01 0.02
O4 NAG E . 32.41 -9.25 2.93
O5 NAG E . 28.84 -8.72 2.47
O6 NAG E . 29.90 -7.10 4.52
O7 NAG E . 28.55 -9.63 -2.26
C1 NAG F . -5.05 -11.58 17.39
C2 NAG F . -5.54 -10.18 17.74
C3 NAG F . -4.55 -9.50 18.69
C4 NAG F . -4.21 -10.42 19.86
C5 NAG F . -3.73 -11.76 19.32
C6 NAG F . -3.28 -12.81 20.33
C7 NAG F . -6.97 -9.24 15.98
C8 NAG F . -7.11 -8.34 14.80
N2 NAG F . -5.77 -9.35 16.55
O3 NAG F . -5.13 -8.27 19.05
O4 NAG F . -3.15 -9.87 20.56
O5 NAG F . -4.81 -12.30 18.60
O6 NAG F . -4.35 -13.06 21.19
O7 NAG F . -7.94 -9.86 16.40
C1 NAG F . -3.48 -9.64 21.93
C2 NAG F . -2.18 -9.39 22.69
C3 NAG F . -2.37 -8.87 24.12
C4 NAG F . -3.56 -7.94 24.27
C5 NAG F . -4.74 -8.55 23.47
C6 NAG F . -6.05 -7.79 23.66
C7 NAG F . -0.47 -10.84 21.79
C8 NAG F . 0.30 -12.13 21.87
N2 NAG F . -1.41 -10.63 22.68
O3 NAG F . -1.15 -8.26 24.51
O4 NAG F . -3.99 -7.92 25.62
O5 NAG F . -4.35 -8.54 22.10
O6 NAG F . -5.83 -6.47 23.19
O7 NAG F . -0.24 -10.00 20.93
C1 BMA F . -3.36 -6.91 26.44
C2 BMA F . -4.31 -6.55 27.58
C3 BMA F . -3.63 -5.54 28.52
C4 BMA F . -2.28 -6.09 28.95
C5 BMA F . -1.43 -6.50 27.75
C6 BMA F . -0.14 -7.13 28.23
O2 BMA F . -4.67 -7.76 28.27
O3 BMA F . -4.39 -5.29 29.72
O4 BMA F . -1.55 -5.10 29.66
O5 BMA F . -2.13 -7.43 26.93
O6 BMA F . 0.67 -7.32 27.09
C1 MAN F . 1.98 -7.74 27.41
C2 MAN F . 2.75 -7.74 26.11
C3 MAN F . 2.28 -8.90 25.21
C4 MAN F . 2.37 -10.21 25.94
C5 MAN F . 1.60 -10.14 27.28
C6 MAN F . 1.85 -11.38 28.11
O2 MAN F . 4.12 -7.84 26.42
O3 MAN F . 3.09 -9.01 24.06
O4 MAN F . 1.88 -11.26 25.14
O5 MAN F . 2.02 -9.01 28.03
O6 MAN F . 3.23 -11.69 28.03
C1 MAN F . 3.70 -12.61 29.02
C2 MAN F . 5.18 -12.32 29.17
C3 MAN F . 5.94 -12.60 27.88
C4 MAN F . 5.78 -14.04 27.49
C5 MAN F . 4.32 -14.48 27.56
C6 MAN F . 4.33 -16.00 27.61
O2 MAN F . 5.73 -13.10 30.23
O3 MAN F . 7.33 -12.35 28.02
O4 MAN F . 6.23 -14.19 26.16
O5 MAN F . 3.54 -13.96 28.66
O6 MAN F . 3.24 -16.44 26.84
C1 MAN F . 6.28 -12.21 31.23
C2 MAN F . 7.17 -13.01 32.15
C3 MAN F . 6.35 -13.99 32.97
C4 MAN F . 5.19 -13.30 33.66
C5 MAN F . 4.39 -12.49 32.66
C6 MAN F . 3.28 -11.74 33.34
O2 MAN F . 7.86 -12.14 33.02
O3 MAN F . 7.17 -14.56 33.95
O4 MAN F . 4.39 -14.25 34.33
O5 MAN F . 5.24 -11.58 31.97
O6 MAN F . 2.63 -10.98 32.37
C1 MAN F . 2.60 -8.23 22.94
C2 MAN F . 3.01 -8.96 21.65
C3 MAN F . 4.52 -8.91 21.56
C4 MAN F . 4.90 -7.45 21.47
C5 MAN F . 4.48 -6.78 22.77
C6 MAN F . 4.94 -5.32 22.81
O2 MAN F . 2.46 -8.27 20.54
O3 MAN F . 5.02 -9.59 20.43
O4 MAN F . 6.28 -7.43 21.36
O5 MAN F . 3.08 -6.89 22.92
O6 MAN F . 3.86 -4.43 22.98
C1 MAN F . -5.38 -4.27 29.57
C2 MAN F . -5.64 -3.62 30.93
C3 MAN F . -6.17 -4.69 31.92
C4 MAN F . -7.26 -5.61 31.37
C5 MAN F . -6.97 -5.98 29.90
C6 MAN F . -8.16 -6.58 29.19
O2 MAN F . -6.53 -2.54 30.75
O3 MAN F . -6.64 -4.12 33.11
O4 MAN F . -7.38 -6.75 32.21
O5 MAN F . -6.59 -4.83 29.15
O6 MAN F . -7.91 -7.97 29.06
C1 NAG G . -14.35 -15.20 16.43
C2 NAG G . -13.00 -14.81 17.01
C3 NAG G . -12.53 -15.84 18.04
C4 NAG G . -13.66 -16.05 19.06
C5 NAG G . -14.94 -16.37 18.32
C6 NAG G . -16.14 -16.64 19.22
C7 NAG G . -11.24 -13.76 15.78
C8 NAG G . -10.30 -13.82 14.62
N2 NAG G . -12.05 -14.77 15.93
O3 NAG G . -11.33 -15.38 18.63
O4 NAG G . -13.41 -17.20 19.86
O5 NAG G . -15.28 -15.31 17.46
O6 NAG G . -16.22 -15.53 20.08
O7 NAG G . -11.23 -12.83 16.56
C1 NAG G . -12.78 -16.85 21.11
C2 NAG G . -13.11 -17.83 22.22
C3 NAG G . -12.52 -17.35 23.55
C4 NAG G . -11.17 -16.62 23.44
C5 NAG G . -10.95 -15.92 22.08
C6 NAG G . -9.49 -15.52 21.89
C7 NAG G . -15.26 -19.01 21.95
C8 NAG G . -16.74 -18.97 22.18
N2 NAG G . -14.56 -17.97 22.38
O3 NAG G . -12.39 -18.48 24.39
O4 NAG G . -10.99 -15.72 24.53
O5 NAG G . -11.37 -16.80 21.04
O6 NAG G . -8.70 -16.64 21.50
O7 NAG G . -14.76 -19.98 21.36
C1 BMA G . -10.31 -16.35 25.65
C2 BMA G . -9.27 -15.41 26.26
C3 BMA G . -8.50 -16.15 27.36
C4 BMA G . -9.46 -16.81 28.35
C5 BMA G . -10.51 -17.69 27.63
C6 BMA G . -11.47 -18.43 28.60
O2 BMA G . -9.92 -14.25 26.82
O3 BMA G . -7.60 -15.26 28.07
O4 BMA G . -8.74 -17.58 29.33
O5 BMA G . -11.18 -16.82 26.69
O6 BMA G . -12.72 -18.78 27.96
C1 MAN G . -6.35 -15.02 27.37
C2 MAN G . -5.23 -14.89 28.40
C3 MAN G . -5.39 -13.54 29.14
C4 MAN G . -5.44 -12.36 28.17
C5 MAN G . -6.58 -12.62 27.18
C6 MAN G . -6.75 -11.51 26.13
O2 MAN G . -3.99 -15.06 27.72
O3 MAN G . -4.39 -13.30 30.12
O4 MAN G . -5.66 -11.17 28.89
O5 MAN G . -6.37 -13.86 26.54
O6 MAN G . -5.55 -10.81 25.92
C1 MAN G . -13.23 -20.12 28.21
C2 MAN G . -12.51 -21.20 27.35
C3 MAN G . -13.19 -21.68 26.03
C4 MAN G . -14.70 -21.54 26.03
C5 MAN G . -15.01 -20.16 26.61
C6 MAN G . -16.47 -19.80 26.44
O2 MAN G . -12.22 -22.30 28.18
O3 MAN G . -12.86 -23.02 25.67
O4 MAN G . -15.20 -21.66 24.72
O5 MAN G . -14.63 -20.15 27.97
O6 MAN G . -16.51 -18.43 26.77
C1 NAG H . 27.74 2.24 10.98
C2 NAG H . 29.22 2.50 11.34
C3 NAG H . 30.05 1.24 11.43
C4 NAG H . 29.24 0.11 12.09
C5 NAG H . 27.88 -0.04 11.41
C6 NAG H . 27.01 -1.17 11.98
C7 NAG H . 29.82 4.74 10.59
C8 NAG H . 30.41 5.57 9.49
N2 NAG H . 29.77 3.43 10.36
O3 NAG H . 31.18 1.53 12.22
O4 NAG H . 29.97 -1.09 12.00
O5 NAG H . 27.17 1.15 11.63
O6 NAG H . 26.72 -0.80 13.32
O7 NAG H . 29.41 5.28 11.61
C1 NAG H . 30.39 -1.57 13.30
C2 NAG H . 30.88 -2.99 13.05
C3 NAG H . 31.72 -3.58 14.18
C4 NAG H . 32.62 -2.54 14.87
C5 NAG H . 31.91 -1.20 15.08
C6 NAG H . 32.90 -0.13 15.56
C7 NAG H . 29.42 -4.30 11.56
C8 NAG H . 28.18 -5.13 11.42
N2 NAG H . 29.72 -3.82 12.79
O3 NAG H . 32.54 -4.60 13.63
O4 NAG H . 33.05 -3.05 16.12
O5 NAG H . 31.38 -0.73 13.86
O6 NAG H . 33.69 0.23 14.45
O7 NAG H . 30.13 -4.07 10.58
C1 NAG I . 23.81 -2.25 -8.45
C2 NAG I . 24.05 -3.74 -8.64
C3 NAG I . 25.36 -4.20 -8.02
C4 NAG I . 26.51 -3.29 -8.44
C5 NAG I . 26.15 -1.84 -8.12
C6 NAG I . 27.22 -0.87 -8.59
C7 NAG I . 22.42 -5.52 -8.65
C8 NAG I . 21.41 -6.32 -7.88
N2 NAG I . 23.03 -4.55 -8.00
O3 NAG I . 25.51 -5.53 -8.44
O4 NAG I . 27.71 -3.66 -7.80
O5 NAG I . 24.96 -1.51 -8.81
O6 NAG I . 27.27 -0.93 -10.00
O7 NAG I . 22.65 -5.77 -9.82
C1 NAG I . 28.79 -3.81 -8.74
C2 NAG I . 30.04 -4.32 -8.04
C3 NAG I . 31.22 -4.50 -8.98
C4 NAG I . 30.80 -5.39 -10.14
C5 NAG I . 29.51 -4.82 -10.74
C6 NAG I . 29.00 -5.69 -11.89
C7 NAG I . 30.17 -3.91 -5.69
C8 NAG I . 30.60 -3.03 -4.54
N2 NAG I . 30.45 -3.50 -6.92
O3 NAG I . 32.22 -5.20 -8.27
O4 NAG I . 31.87 -5.46 -11.05
O5 NAG I . 28.48 -4.74 -9.76
O6 NAG I . 28.63 -6.91 -11.31
O7 NAG I . 29.58 -4.97 -5.47
C1 NAG J . -8.81 21.24 -13.56
C2 NAG J . -8.05 20.24 -14.39
C3 NAG J . -7.41 20.91 -15.59
C4 NAG J . -8.52 21.57 -16.40
C5 NAG J . -9.18 22.56 -15.46
C6 NAG J . -10.25 23.40 -16.13
C7 NAG J . -6.69 18.42 -13.55
C8 NAG J . -5.55 17.99 -12.69
N2 NAG J . -6.97 19.72 -13.58
O3 NAG J . -6.71 19.95 -16.36
O4 NAG J . -7.92 22.22 -17.49
O5 NAG J . -9.79 21.84 -14.40
O6 NAG J . -11.21 22.50 -16.64
O7 NAG J . -7.33 17.61 -14.19
C1 NAG J . -8.50 21.95 -18.75
C2 NAG J . -8.02 23.01 -19.76
C3 NAG J . -8.49 22.62 -21.16
C4 NAG J . -8.17 21.17 -21.49
C5 NAG J . -8.81 20.32 -20.38
C6 NAG J . -8.65 18.82 -20.56
C7 NAG J . -8.17 25.33 -18.89
C8 NAG J . -9.18 26.42 -18.66
N2 NAG J . -8.71 24.23 -19.43
O3 NAG J . -7.90 23.49 -22.09
O4 NAG J . -8.66 20.86 -22.78
O5 NAG J . -8.17 20.66 -19.17
O6 NAG J . -7.28 18.55 -20.41
O7 NAG J . -6.99 25.48 -18.57
C1 NAG K . -18.12 22.61 13.31
C2 NAG K . -18.32 24.04 13.80
C3 NAG K . -17.25 24.41 14.82
C4 NAG K . -17.19 23.41 15.96
C5 NAG K . -17.25 21.99 15.43
C6 NAG K . -17.58 21.02 16.53
C7 NAG K . -19.31 25.93 12.59
C8 NAG K . -19.27 26.83 11.39
N2 NAG K . -18.37 24.98 12.69
O3 NAG K . -17.50 25.68 15.39
O4 NAG K . -15.92 23.61 16.57
O5 NAG K . -18.22 21.76 14.43
O6 NAG K . -17.30 19.75 16.02
O7 NAG K . -20.22 26.09 13.43
C1 NAG K . -15.88 24.48 17.72
C2 NAG K . -15.21 23.73 18.87
C3 NAG K . -14.71 24.66 19.95
C4 NAG K . -13.87 25.75 19.32
C5 NAG K . -14.81 26.55 18.42
C6 NAG K . -14.20 27.84 17.86
C7 NAG K . -16.06 21.52 19.71
C8 NAG K . -17.16 20.85 20.49
N2 NAG K . -16.14 22.85 19.57
O3 NAG K . -14.00 23.97 20.96
O4 NAG K . -13.24 26.51 20.34
O5 NAG K . -15.22 25.71 17.36
O6 NAG K . -13.97 28.79 18.89
O7 NAG K . -15.17 20.82 19.23
C1 NAG L . -32.85 16.99 6.00
C2 NAG L . -34.37 17.14 6.03
C3 NAG L . -34.81 18.59 5.86
C4 NAG L . -34.05 19.48 6.83
C5 NAG L . -32.55 19.24 6.69
C6 NAG L . -31.70 20.13 7.62
C7 NAG L . -35.79 15.29 5.34
C8 NAG L . -36.45 14.58 4.18
N2 NAG L . -35.05 16.36 5.03
O3 NAG L . -36.19 18.63 6.14
O4 NAG L . -34.31 20.84 6.52
O5 NAG L . -32.27 17.88 6.94
O6 NAG L . -32.11 19.97 8.95
O7 NAG L . -35.92 14.87 6.49
C1 NAG L . -35.14 21.51 7.49
C2 NAG L . -34.92 22.99 7.30
C3 NAG L . -35.77 23.71 8.34
C4 NAG L . -37.23 23.40 8.07
C5 NAG L . -37.40 21.89 8.19
C6 NAG L . -38.85 21.47 7.91
C7 NAG L . -32.80 23.57 6.21
C8 NAG L . -31.35 23.97 6.37
N2 NAG L . -33.51 23.37 7.34
O3 NAG L . -35.56 25.09 8.21
O4 NAG L . -38.07 24.08 8.99
O5 NAG L . -36.53 21.23 7.28
O6 NAG L . -39.25 21.96 6.65
O7 NAG L . -33.24 23.47 5.07
NA NA M . 18.89 -16.79 0.05
C1 GOL N . 20.29 -25.73 8.84
O1 GOL N . 19.80 -26.93 9.42
C2 GOL N . 20.37 -25.89 7.33
O2 GOL N . 21.72 -26.08 6.89
C3 GOL N . 19.78 -24.66 6.68
O3 GOL N . 18.36 -24.63 6.91
C1 NAG O . 20.23 -13.55 -16.89
C2 NAG O . 21.03 -14.53 -17.75
C3 NAG O . 22.33 -13.92 -18.28
C4 NAG O . 22.05 -12.60 -18.98
C5 NAG O . 21.22 -11.68 -18.05
C6 NAG O . 20.83 -10.38 -18.73
C7 NAG O . 20.47 -16.80 -17.21
C8 NAG O . 20.76 -18.02 -16.41
N2 NAG O . 21.25 -15.76 -17.02
O3 NAG O . 22.79 -14.85 -19.21
O4 NAG O . 23.25 -12.00 -19.49
O5 NAG O . 20.02 -12.34 -17.61
O6 NAG O . 20.38 -9.44 -17.76
O7 NAG O . 19.51 -16.81 -17.99
C1 NAG P . -29.11 -10.15 -7.50
C2 NAG P . -30.24 -11.09 -7.83
C3 NAG P . -29.96 -11.68 -9.20
C4 NAG P . -30.02 -10.53 -10.20
C5 NAG P . -28.91 -9.55 -9.85
C6 NAG P . -29.05 -8.28 -10.68
C7 NAG P . -31.40 -12.41 -6.16
C8 NAG P . -31.39 -13.60 -5.25
N2 NAG P . -30.31 -12.19 -6.89
O3 NAG P . -30.87 -12.68 -9.56
O4 NAG P . -29.84 -11.03 -11.50
O5 NAG P . -28.96 -9.15 -8.49
O6 NAG P . -28.54 -7.20 -9.94
O7 NAG P . -32.40 -11.69 -6.21
C1 NAG Q . -37.50 1.25 2.65
C2 NAG Q . -38.87 1.84 3.05
C3 NAG Q . -39.82 0.70 3.38
C4 NAG Q . -39.96 -0.21 2.14
C5 NAG Q . -38.56 -0.74 1.88
C6 NAG Q . -38.57 -1.82 0.82
C7 NAG Q . -38.95 4.11 4.01
C8 NAG Q . -38.98 5.01 5.22
N2 NAG Q . -38.87 2.79 4.19
O3 NAG Q . -41.01 1.32 3.78
O4 NAG Q . -40.86 -1.28 2.31
O5 NAG Q . -37.66 0.33 1.58
O6 NAG Q . -38.07 -1.30 -0.38
O7 NAG Q . -38.97 4.63 2.89
C1 GOL R . -19.22 2.91 -5.42
O1 GOL R . -18.86 3.41 -4.12
C2 GOL R . -20.74 2.78 -5.58
O2 GOL R . -21.27 1.80 -4.65
C3 GOL R . -21.40 4.16 -5.43
O3 GOL R . -22.51 4.27 -4.50
NA NA S . 24.18 6.48 -5.18
C1 NAG T . 9.58 21.23 12.43
C2 NAG T . 10.99 20.87 12.89
C3 NAG T . 10.96 19.63 13.79
C4 NAG T . 9.99 19.88 14.96
C5 NAG T . 8.63 20.28 14.34
C6 NAG T . 7.57 20.68 15.35
C7 NAG T . 12.94 21.15 11.39
C8 NAG T . 13.52 20.71 10.07
N2 NAG T . 11.76 20.61 11.68
O3 NAG T . 12.29 19.34 14.16
O4 NAG T . 9.85 18.73 15.81
O5 NAG T . 8.80 21.44 13.55
O6 NAG T . 8.19 21.67 16.13
O7 NAG T . 13.55 21.96 12.10
C1 NAG U . -2.65 13.61 -16.53
C2 NAG U . -3.86 12.67 -16.51
C3 NAG U . -3.72 11.56 -17.54
C4 NAG U . -3.41 12.10 -18.93
C5 NAG U . -2.23 13.07 -18.83
C6 NAG U . -1.97 13.59 -20.24
C7 NAG U . -5.07 12.51 -14.36
C8 NAG U . -5.32 11.77 -13.08
N2 NAG U . -4.16 12.03 -15.23
O3 NAG U . -4.97 10.92 -17.59
O4 NAG U . -3.09 11.05 -19.83
O5 NAG U . -2.49 14.11 -17.86
O6 NAG U . -1.52 14.91 -20.17
O7 NAG U . -5.71 13.52 -14.53
#